data_5FA2
#
_entry.id   5FA2
#
_cell.length_a   144.851
_cell.length_b   85.914
_cell.length_c   90.043
_cell.angle_alpha   90.000
_cell.angle_beta   104.770
_cell.angle_gamma   90.000
#
_symmetry.space_group_name_H-M   'C 1 2 1'
#
loop_
_entity.id
_entity.type
_entity.pdbx_description
1 polymer gp120
2 branched alpha-D-mannopyranose-(1-3)-[alpha-D-mannopyranose-(1-6)]beta-D-mannopyranose-(1-4)-2-acetamido-2-deoxy-beta-D-glucopyranose-(1-4)-2-acetamido-2-deoxy-beta-D-glucopyranose
3 branched alpha-D-mannopyranose-(1-3)-beta-D-mannopyranose-(1-4)-2-acetamido-2-deoxy-beta-D-glucopyranose-(1-4)-2-acetamido-2-deoxy-beta-D-glucopyranose
4 non-polymer 2-acetamido-2-deoxy-beta-D-glucopyranose
5 non-polymer 'CITRATE ANION'
6 non-polymer 'THIOCYANATE ION'
7 water water
#
_entity_poly.entity_id   1
_entity_poly.type   'polypeptide(L)'
_entity_poly.pdbx_seq_one_letter_code
;VWKEAKTTLFCASDAKAYEKECHNVWATHACVPTDPNPQEVVLEQVTENFNMWKNDMVDQMQEDVISIWDQCLKPCVKLT
NTSTLTQACPKVTFDPIPIHYCAPAGYAILKCNNKTFNGKGPCNNVSTVQCTHGIKPVVSTQLLLNGSLAEEEIVIRSKN
LRDNAKIIIVQLQKSVEIVCTRPNNGGSGSGGDIRQAYCQISGRNWSEAVNQVKKKLKEHFPHKNISFQSSSGGDLEITT
HSFNCGGEFFYCNTSGLFQDTISNATIMLPCRIKQIINMWQEVGKAIYAPPIKGQITCKSDITGLLLLRDGGDTTDNTEI
FRPSGGDMRDNWRSELYKYKVVEIKPLHHHHHH
;
_entity_poly.pdbx_strand_id   A,B
#
# COMPACT_ATOMS: atom_id res chain seq x y z
N GLU A 4 19.08 -4.97 6.29
CA GLU A 4 18.09 -3.98 6.71
C GLU A 4 18.30 -3.63 8.17
N ALA A 5 19.30 -2.79 8.44
CA ALA A 5 19.59 -2.43 9.81
C ALA A 5 19.66 -0.94 10.08
N LYS A 6 19.46 -0.60 11.35
CA LYS A 6 19.51 0.76 11.81
C LYS A 6 20.91 1.04 12.32
N THR A 7 21.53 2.05 11.75
CA THR A 7 22.86 2.47 12.14
C THR A 7 22.89 3.97 12.20
N THR A 8 23.94 4.51 12.80
CA THR A 8 24.08 5.95 12.88
C THR A 8 24.83 6.45 11.67
N LEU A 9 24.10 7.12 10.78
CA LEU A 9 24.70 7.71 9.58
C LEU A 9 25.53 8.86 10.00
N PHE A 10 26.48 9.23 9.16
CA PHE A 10 27.21 10.48 9.34
C PHE A 10 26.89 11.35 8.14
N CYS A 11 27.10 12.66 8.29
CA CYS A 11 26.89 13.56 7.18
C CYS A 11 28.21 14.02 6.58
N ALA A 12 28.12 14.42 5.32
CA ALA A 12 29.21 14.99 4.56
C ALA A 12 28.69 16.19 3.78
N SER A 13 29.54 17.20 3.59
CA SER A 13 29.16 18.39 2.84
C SER A 13 30.37 19.09 2.23
N ASP A 14 30.12 20.09 1.39
CA ASP A 14 31.14 20.99 0.87
C ASP A 14 31.27 22.26 1.70
N ALA A 15 30.87 22.23 2.97
CA ALA A 15 30.94 23.45 3.79
C ALA A 15 32.36 23.98 3.80
N LYS A 16 32.49 25.29 3.80
CA LYS A 16 33.78 25.97 3.86
C LYS A 16 33.99 26.55 5.28
N ALA A 17 35.17 26.32 5.86
CA ALA A 17 35.48 26.78 7.22
C ALA A 17 35.54 28.30 7.34
N TYR A 18 35.85 28.98 6.24
CA TYR A 18 35.92 30.45 6.23
C TYR A 18 34.55 31.13 6.13
N GLU A 19 33.52 30.34 5.84
CA GLU A 19 32.22 30.84 5.49
C GLU A 19 31.43 31.09 6.79
N LYS A 20 30.85 32.27 6.89
CA LYS A 20 30.07 32.67 8.03
C LYS A 20 28.61 32.23 7.93
N GLU A 21 28.19 31.75 6.76
CA GLU A 21 26.83 31.31 6.59
C GLU A 21 26.62 30.19 7.59
N CYS A 22 25.50 30.20 8.29
CA CYS A 22 25.25 29.24 9.35
C CYS A 22 25.21 27.76 9.00
N HIS A 23 24.65 27.39 7.86
CA HIS A 23 24.61 25.99 7.48
C HIS A 23 26.05 25.52 7.31
N ASN A 24 26.89 26.38 6.74
CA ASN A 24 28.29 26.05 6.58
C ASN A 24 28.98 25.86 7.92
N VAL A 25 28.71 26.76 8.85
CA VAL A 25 29.32 26.70 10.16
C VAL A 25 28.92 25.43 10.89
N TRP A 26 27.66 25.05 10.78
CA TRP A 26 27.20 23.86 11.44
C TRP A 26 27.82 22.62 10.82
N ALA A 27 27.90 22.62 9.50
CA ALA A 27 28.35 21.44 8.78
C ALA A 27 29.88 21.21 8.90
N THR A 28 30.65 22.29 9.01
CA THR A 28 32.10 22.19 9.22
C THR A 28 32.38 21.44 10.51
N HIS A 29 31.58 21.70 11.55
CA HIS A 29 31.70 20.96 12.81
C HIS A 29 31.01 19.58 12.80
N ALA A 30 29.87 19.44 12.14
CA ALA A 30 29.06 18.22 12.30
C ALA A 30 29.36 17.17 11.25
N CYS A 31 29.85 17.60 10.11
CA CYS A 31 29.97 16.72 8.95
C CYS A 31 31.43 16.65 8.51
N VAL A 32 31.75 15.59 7.79
CA VAL A 32 33.06 15.44 7.14
C VAL A 32 33.00 16.02 5.72
N PRO A 33 34.14 16.10 5.02
CA PRO A 33 34.06 16.57 3.63
C PRO A 33 33.36 15.60 2.68
N THR A 34 32.74 16.14 1.63
CA THR A 34 32.09 15.32 0.61
C THR A 34 33.08 14.33 0.05
N ASP A 35 32.59 13.16 -0.31
CA ASP A 35 33.41 12.13 -0.93
C ASP A 35 33.95 12.67 -2.28
N PRO A 36 35.28 12.90 -2.40
CA PRO A 36 35.80 13.45 -3.67
C PRO A 36 35.72 12.47 -4.85
N ASN A 37 35.76 11.17 -4.55
CA ASN A 37 35.64 10.09 -5.55
C ASN A 37 34.57 9.08 -5.12
N PRO A 38 33.27 9.43 -5.30
CA PRO A 38 32.20 8.53 -4.90
C PRO A 38 32.03 7.38 -5.88
N GLN A 39 31.97 6.15 -5.36
CA GLN A 39 31.71 4.96 -6.16
C GLN A 39 30.25 4.50 -6.04
N GLU A 40 29.61 4.22 -7.18
CA GLU A 40 28.29 3.60 -7.22
C GLU A 40 28.38 2.25 -7.92
N VAL A 41 27.84 1.22 -7.28
CA VAL A 41 27.89 -0.16 -7.81
C VAL A 41 26.48 -0.65 -8.12
N VAL A 42 26.16 -0.79 -9.41
CA VAL A 42 24.91 -1.40 -9.83
C VAL A 42 24.89 -2.86 -9.38
N LEU A 43 23.84 -3.25 -8.66
CA LEU A 43 23.62 -4.63 -8.30
C LEU A 43 22.78 -5.24 -9.42
N GLU A 44 23.21 -6.37 -10.00
CA GLU A 44 22.56 -6.94 -11.20
C GLU A 44 21.50 -7.96 -10.85
N GLN A 45 20.36 -7.89 -11.57
CA GLN A 45 19.23 -8.82 -11.40
C GLN A 45 18.72 -8.88 -9.94
N VAL A 46 18.65 -7.72 -9.29
CA VAL A 46 18.35 -7.63 -7.85
C VAL A 46 17.07 -6.82 -7.63
N THR A 47 16.23 -7.29 -6.71
CA THR A 47 15.04 -6.55 -6.32
C THR A 47 15.01 -6.43 -4.81
N GLU A 48 14.85 -5.19 -4.32
CA GLU A 48 14.80 -4.89 -2.92
C GLU A 48 13.58 -4.04 -2.63
N ASN A 49 12.99 -4.25 -1.47
CA ASN A 49 11.88 -3.45 -0.98
C ASN A 49 12.35 -2.17 -0.33
N PHE A 50 11.72 -1.06 -0.72
CA PHE A 50 11.94 0.23 -0.04
C PHE A 50 10.63 0.67 0.60
N ASN A 51 10.72 1.36 1.74
CA ASN A 51 9.58 2.02 2.32
C ASN A 51 9.91 3.41 2.82
N MET A 52 9.59 4.41 2.02
CA MET A 52 9.87 5.79 2.39
C MET A 52 9.16 6.22 3.67
N TRP A 53 8.06 5.55 3.99
CA TRP A 53 7.24 5.89 5.16
C TRP A 53 7.74 5.26 6.47
N LYS A 54 8.65 4.28 6.41
CA LYS A 54 9.25 3.66 7.62
C LYS A 54 10.73 3.54 7.34
N ASN A 55 11.43 4.66 7.51
CA ASN A 55 12.82 4.76 7.11
C ASN A 55 13.55 5.66 8.10
N ASP A 56 14.38 5.01 8.93
CA ASP A 56 15.15 5.69 9.96
C ASP A 56 16.07 6.79 9.42
N MET A 57 16.31 6.83 8.13
CA MET A 57 17.13 7.89 7.57
C MET A 57 16.43 9.25 7.74
N VAL A 58 15.10 9.23 7.67
CA VAL A 58 14.26 10.41 7.79
C VAL A 58 14.36 10.98 9.20
N ASP A 59 14.33 10.11 10.19
CA ASP A 59 14.43 10.54 11.59
C ASP A 59 15.79 11.16 11.93
N GLN A 60 16.84 10.63 11.34
CA GLN A 60 18.16 11.23 11.48
C GLN A 60 18.30 12.58 10.81
N MET A 61 17.78 12.71 9.61
CA MET A 61 17.80 14.02 8.98
C MET A 61 17.04 15.05 9.80
N GLN A 62 15.91 14.63 10.37
CA GLN A 62 15.08 15.50 11.20
C GLN A 62 15.91 16.02 12.37
N GLU A 63 16.63 15.10 13.02
CA GLU A 63 17.47 15.49 14.15
C GLU A 63 18.55 16.46 13.72
N ASP A 64 19.17 16.23 12.57
CA ASP A 64 20.14 17.19 12.08
C ASP A 64 19.57 18.57 11.74
N VAL A 65 18.41 18.62 11.07
CA VAL A 65 17.86 19.96 10.71
C VAL A 65 17.47 20.72 11.98
N ILE A 66 16.94 20.01 12.96
CA ILE A 66 16.68 20.59 14.29
C ILE A 66 17.97 21.20 14.87
N SER A 67 19.05 20.44 14.80
CA SER A 67 20.39 20.91 15.25
C SER A 67 20.91 22.10 14.47
N ILE A 68 20.74 22.09 13.15
CA ILE A 68 21.03 23.26 12.34
C ILE A 68 20.25 24.49 12.80
N TRP A 69 18.94 24.32 12.96
CA TRP A 69 18.09 25.47 13.33
C TRP A 69 18.36 25.93 14.76
N ASP A 70 18.76 25.00 15.62
CA ASP A 70 19.15 25.36 17.00
C ASP A 70 20.35 26.32 17.02
N GLN A 71 21.26 26.16 16.06
CA GLN A 71 22.41 27.06 15.92
C GLN A 71 22.08 28.29 15.07
N CYS A 72 21.41 28.08 13.96
CA CYS A 72 21.14 29.14 13.03
C CYS A 72 19.91 30.02 13.18
N LEU A 73 18.89 29.54 13.87
CA LEU A 73 17.67 30.31 14.02
C LEU A 73 17.24 30.22 15.46
N LYS A 74 18.07 30.83 16.29
CA LYS A 74 17.86 30.90 17.73
C LYS A 74 16.83 31.94 17.98
N PRO A 75 15.67 31.56 18.52
CA PRO A 75 14.69 32.60 18.84
C PRO A 75 15.06 33.40 20.08
N CYS A 76 14.56 34.63 20.15
CA CYS A 76 14.77 35.48 21.30
C CYS A 76 13.98 34.94 22.49
N VAL A 77 12.79 34.44 22.21
CA VAL A 77 11.91 33.88 23.23
C VAL A 77 11.35 32.59 22.65
N LYS A 78 11.37 31.52 23.44
CA LYS A 78 10.74 30.27 23.05
C LYS A 78 9.77 29.85 24.15
N LEU A 79 8.51 29.65 23.78
CA LEU A 79 7.45 29.26 24.69
C LEU A 79 6.90 27.87 24.33
N THR A 80 6.75 27.07 25.38
CA THR A 80 6.24 25.73 25.29
C THR A 80 5.22 25.63 26.43
N ASN A 81 4.37 24.62 26.42
CA ASN A 81 3.44 24.44 27.55
C ASN A 81 4.11 24.12 28.90
N THR A 82 5.38 23.70 28.92
CA THR A 82 6.14 23.47 30.15
C THR A 82 7.34 24.41 30.40
N SER A 83 7.55 25.41 29.54
CA SER A 83 8.79 26.16 29.57
C SER A 83 8.75 27.51 28.89
N THR A 84 9.58 28.41 29.41
CA THR A 84 9.83 29.74 28.82
C THR A 84 11.31 29.98 28.82
N LEU A 85 11.80 30.36 27.63
CA LEU A 85 13.23 30.63 27.41
C LEU A 85 13.38 32.01 26.80
N THR A 86 14.24 32.83 27.40
CA THR A 86 14.67 34.08 26.79
C THR A 86 16.18 34.01 26.59
N GLN A 87 16.65 34.37 25.39
CA GLN A 87 18.07 34.24 25.06
C GLN A 87 18.53 35.22 24.00
N ALA A 88 19.85 35.36 23.87
CA ALA A 88 20.44 36.15 22.80
C ALA A 88 20.04 35.54 21.48
N CYS A 89 19.71 36.38 20.52
CA CYS A 89 19.17 35.89 19.26
C CYS A 89 19.71 36.71 18.10
N PRO A 90 21.03 36.66 17.90
CA PRO A 90 21.62 37.43 16.81
C PRO A 90 21.16 36.95 15.44
N LYS A 91 21.06 37.89 14.51
CA LYS A 91 20.76 37.55 13.11
C LYS A 91 21.97 36.88 12.55
N VAL A 92 21.76 36.02 11.57
CA VAL A 92 22.84 35.27 10.96
C VAL A 92 22.67 35.20 9.45
N THR A 93 23.69 34.71 8.76
CA THR A 93 23.62 34.57 7.32
C THR A 93 23.08 33.17 7.13
N PHE A 94 22.05 33.06 6.30
CA PHE A 94 21.38 31.79 6.13
C PHE A 94 21.07 31.42 4.68
N ASP A 95 21.58 30.27 4.23
CA ASP A 95 21.29 29.78 2.89
C ASP A 95 21.59 28.30 2.88
N PRO A 96 20.54 27.44 2.79
CA PRO A 96 20.81 25.99 2.97
C PRO A 96 21.82 25.40 2.01
N ILE A 97 22.70 24.53 2.50
CA ILE A 97 23.66 23.83 1.64
C ILE A 97 23.28 22.38 1.49
N PRO A 98 23.81 21.71 0.44
CA PRO A 98 23.57 20.28 0.33
C PRO A 98 24.27 19.49 1.41
N ILE A 99 23.57 18.49 1.93
CA ILE A 99 24.11 17.60 2.93
C ILE A 99 23.95 16.18 2.39
N HIS A 100 24.97 15.36 2.59
CA HIS A 100 24.94 13.97 2.15
C HIS A 100 24.87 13.10 3.38
N TYR A 101 24.10 12.03 3.31
CA TYR A 101 24.01 11.12 4.42
C TYR A 101 24.78 9.89 4.00
N CYS A 102 25.63 9.38 4.89
CA CYS A 102 26.57 8.31 4.55
C CYS A 102 26.51 7.13 5.51
N ALA A 103 26.66 5.93 4.95
CA ALA A 103 26.67 4.71 5.73
C ALA A 103 28.04 4.55 6.38
N PRO A 104 28.07 4.16 7.67
CA PRO A 104 29.34 3.81 8.33
C PRO A 104 29.83 2.40 7.90
N ALA A 105 30.96 1.96 8.45
CA ALA A 105 31.54 0.65 8.11
C ALA A 105 30.58 -0.49 8.42
N GLY A 106 30.55 -1.48 7.55
CA GLY A 106 29.71 -2.66 7.74
C GLY A 106 28.27 -2.44 7.32
N TYR A 107 28.03 -1.30 6.66
CA TYR A 107 26.69 -0.92 6.20
C TYR A 107 26.84 -0.24 4.86
N ALA A 108 25.80 -0.38 4.05
CA ALA A 108 25.70 0.39 2.82
C ALA A 108 24.30 1.03 2.68
N ILE A 109 24.22 1.94 1.73
CA ILE A 109 22.99 2.56 1.40
C ILE A 109 22.56 2.08 0.03
N LEU A 110 21.45 1.37 -0.03
CA LEU A 110 20.86 0.99 -1.30
C LEU A 110 20.13 2.17 -1.89
N LYS A 111 20.23 2.31 -3.21
CA LYS A 111 19.64 3.41 -3.95
C LYS A 111 18.74 2.83 -5.03
N CYS A 112 17.48 3.25 -5.06
CA CYS A 112 16.54 2.81 -6.07
C CYS A 112 16.73 3.68 -7.30
N ASN A 113 16.90 3.04 -8.44
CA ASN A 113 17.13 3.72 -9.70
C ASN A 113 15.96 3.60 -10.66
N ASN A 114 14.88 2.97 -10.24
CA ASN A 114 13.63 3.02 -11.01
C ASN A 114 13.07 4.44 -10.94
N LYS A 115 12.99 5.10 -12.09
CA LYS A 115 12.63 6.50 -12.13
C LYS A 115 11.16 6.82 -11.83
N THR A 116 10.27 5.83 -11.78
CA THR A 116 8.86 6.07 -11.43
C THR A 116 8.45 5.38 -10.13
N PHE A 117 9.41 4.84 -9.39
CA PHE A 117 9.15 4.18 -8.13
C PHE A 117 8.38 5.11 -7.17
N ASN A 118 7.26 4.63 -6.63
CA ASN A 118 6.41 5.47 -5.78
C ASN A 118 6.90 5.61 -4.35
N GLY A 119 7.95 4.88 -3.94
CA GLY A 119 8.51 4.98 -2.59
C GLY A 119 8.11 3.90 -1.60
N LYS A 120 7.19 3.04 -1.97
CA LYS A 120 6.77 1.97 -1.12
C LYS A 120 6.49 0.72 -1.92
N GLY A 121 7.40 -0.24 -1.87
CA GLY A 121 7.28 -1.48 -2.65
C GLY A 121 8.63 -1.95 -3.20
N PRO A 122 8.60 -2.88 -4.17
CA PRO A 122 9.87 -3.41 -4.72
C PRO A 122 10.50 -2.45 -5.70
N CYS A 123 11.83 -2.35 -5.65
CA CYS A 123 12.58 -1.61 -6.64
C CYS A 123 13.44 -2.63 -7.37
N ASN A 124 13.36 -2.61 -8.69
CA ASN A 124 14.00 -3.64 -9.55
C ASN A 124 15.41 -3.26 -10.05
N ASN A 125 15.71 -1.95 -10.09
CA ASN A 125 17.04 -1.46 -10.50
C ASN A 125 17.68 -0.75 -9.30
N VAL A 126 18.45 -1.52 -8.55
CA VAL A 126 19.10 -1.08 -7.32
C VAL A 126 20.62 -0.94 -7.52
N SER A 127 21.22 0.06 -6.87
CA SER A 127 22.66 0.16 -6.78
C SER A 127 23.06 0.46 -5.33
N THR A 128 24.36 0.32 -5.01
CA THR A 128 24.88 0.60 -3.66
C THR A 128 25.70 1.87 -3.75
N VAL A 129 25.57 2.74 -2.75
CA VAL A 129 26.35 3.98 -2.68
C VAL A 129 26.83 4.13 -1.26
N GLN A 130 27.85 4.95 -1.06
CA GLN A 130 28.35 5.21 0.31
C GLN A 130 27.51 6.31 0.94
N CYS A 131 27.17 7.30 0.13
CA CYS A 131 26.41 8.43 0.60
C CYS A 131 25.32 8.77 -0.38
N THR A 132 24.32 9.47 0.12
CA THR A 132 23.22 9.92 -0.70
C THR A 132 23.77 11.10 -1.44
N HIS A 133 23.01 11.58 -2.40
CA HIS A 133 23.36 12.75 -3.15
C HIS A 133 23.13 13.90 -2.17
N GLY A 134 23.64 15.09 -2.46
CA GLY A 134 23.46 16.21 -1.57
C GLY A 134 22.03 16.71 -1.52
N ILE A 135 21.51 16.89 -0.32
CA ILE A 135 20.15 17.33 -0.10
C ILE A 135 20.07 18.60 0.74
N LYS A 136 19.43 19.65 0.22
CA LYS A 136 19.30 20.87 0.96
C LYS A 136 18.21 20.67 2.03
N PRO A 137 18.50 20.99 3.30
CA PRO A 137 17.49 20.87 4.36
C PRO A 137 16.53 22.08 4.35
N VAL A 138 15.75 22.23 3.28
CA VAL A 138 14.86 23.37 3.14
C VAL A 138 13.59 23.05 3.91
N VAL A 139 13.21 23.94 4.81
CA VAL A 139 12.02 23.75 5.62
C VAL A 139 10.92 24.58 4.95
N SER A 140 9.80 23.95 4.60
CA SER A 140 8.68 24.66 4.03
C SER A 140 7.41 23.91 4.21
N THR A 141 6.31 24.61 3.93
CA THR A 141 4.99 24.04 3.83
C THR A 141 4.44 24.26 2.43
N GLN A 142 3.50 23.40 2.00
CA GLN A 142 2.73 23.51 0.76
C GLN A 142 3.53 23.18 -0.49
N LEU A 143 4.57 23.97 -0.74
CA LEU A 143 5.47 23.78 -1.88
C LEU A 143 6.84 23.26 -1.37
N LEU A 144 7.32 22.21 -2.00
CA LEU A 144 8.64 21.69 -1.77
C LEU A 144 9.57 22.46 -2.70
N LEU A 145 10.58 23.10 -2.12
CA LEU A 145 11.51 23.96 -2.82
C LEU A 145 12.92 23.36 -2.93
N ASN A 146 13.58 23.61 -4.06
CA ASN A 146 15.03 23.39 -4.23
C ASN A 146 15.43 21.94 -4.04
N GLY A 147 14.53 21.03 -4.37
CA GLY A 147 14.77 19.61 -4.24
C GLY A 147 15.00 18.97 -5.59
N SER A 148 14.84 17.67 -5.64
CA SER A 148 15.09 16.93 -6.88
C SER A 148 13.81 16.72 -7.68
N LEU A 149 13.95 16.57 -9.00
CA LEU A 149 12.83 16.36 -9.90
C LEU A 149 12.70 14.89 -10.30
N ALA A 150 11.48 14.48 -10.59
CA ALA A 150 11.25 13.18 -11.18
C ALA A 150 11.82 13.21 -12.60
N GLU A 151 12.44 12.10 -13.01
CA GLU A 151 13.15 12.01 -14.31
C GLU A 151 12.19 11.86 -15.50
N GLU A 152 11.21 10.96 -15.40
CA GLU A 152 10.28 10.64 -16.51
C GLU A 152 8.95 11.35 -16.45
N GLU A 153 8.31 11.29 -15.28
CA GLU A 153 6.94 11.79 -15.12
C GLU A 153 6.68 12.19 -13.66
N ILE A 154 5.57 12.87 -13.44
CA ILE A 154 5.14 13.22 -12.09
C ILE A 154 4.92 11.95 -11.28
N VAL A 155 5.39 11.96 -10.03
CA VAL A 155 5.22 10.82 -9.15
C VAL A 155 4.35 11.23 -7.96
N ILE A 156 3.36 10.40 -7.63
CA ILE A 156 2.46 10.62 -6.50
C ILE A 156 2.87 9.64 -5.42
N ARG A 157 3.14 10.16 -4.22
CA ARG A 157 3.63 9.32 -3.14
C ARG A 157 2.72 9.48 -1.92
N SER A 158 2.16 8.37 -1.45
CA SER A 158 1.40 8.36 -0.22
C SER A 158 1.53 7.04 0.45
N LYS A 159 1.48 7.03 1.77
CA LYS A 159 1.44 5.77 2.53
C LYS A 159 0.22 4.94 2.10
N ASN A 160 -0.88 5.61 1.76
CA ASN A 160 -2.10 4.95 1.27
C ASN A 160 -3.02 6.02 0.73
N LEU A 161 -3.08 6.13 -0.61
CA LEU A 161 -3.92 7.12 -1.28
C LEU A 161 -5.38 7.07 -0.91
N ARG A 162 -5.86 5.88 -0.55
CA ARG A 162 -7.24 5.70 -0.13
C ARG A 162 -7.50 6.19 1.28
N ASP A 163 -6.45 6.51 2.03
CA ASP A 163 -6.59 7.12 3.34
C ASP A 163 -6.42 8.64 3.18
N ASN A 164 -7.53 9.35 3.21
CA ASN A 164 -7.53 10.80 3.02
C ASN A 164 -6.75 11.54 4.09
N ALA A 165 -6.61 10.93 5.26
CA ALA A 165 -5.81 11.52 6.33
C ALA A 165 -4.29 11.52 6.09
N LYS A 166 -3.81 10.73 5.13
CA LYS A 166 -2.36 10.65 4.85
C LYS A 166 -1.92 11.65 3.83
N ILE A 167 -0.81 12.31 4.13
CA ILE A 167 -0.21 13.31 3.25
C ILE A 167 0.13 12.69 1.90
N ILE A 168 0.00 13.50 0.86
CA ILE A 168 0.41 13.12 -0.49
C ILE A 168 1.61 14.01 -0.82
N ILE A 169 2.71 13.37 -1.15
CA ILE A 169 3.89 14.05 -1.62
C ILE A 169 3.90 13.91 -3.13
N VAL A 170 3.92 15.06 -3.81
CA VAL A 170 3.98 15.10 -5.26
C VAL A 170 5.40 15.50 -5.64
N GLN A 171 5.99 14.79 -6.58
CA GLN A 171 7.26 15.19 -7.15
C GLN A 171 7.05 15.59 -8.60
N LEU A 172 7.38 16.83 -8.91
CA LEU A 172 7.29 17.33 -10.26
C LEU A 172 8.43 16.80 -11.16
N GLN A 173 8.22 16.90 -12.47
CA GLN A 173 9.21 16.53 -13.47
C GLN A 173 9.90 17.81 -13.94
N LYS A 174 9.12 18.88 -14.03
CA LYS A 174 9.62 20.16 -14.43
C LYS A 174 9.36 21.13 -13.29
N SER A 175 10.39 21.87 -12.88
CA SER A 175 10.24 22.81 -11.79
C SER A 175 9.58 24.10 -12.26
N VAL A 176 8.93 24.78 -11.33
CA VAL A 176 8.33 26.06 -11.58
C VAL A 176 9.01 27.03 -10.66
N GLU A 177 9.52 28.12 -11.24
CA GLU A 177 10.24 29.13 -10.50
C GLU A 177 9.29 30.02 -9.68
N ILE A 178 9.76 30.42 -8.51
CA ILE A 178 9.04 31.33 -7.62
C ILE A 178 10.08 32.30 -7.05
N VAL A 179 9.78 33.59 -7.11
CA VAL A 179 10.68 34.62 -6.63
C VAL A 179 9.92 35.37 -5.56
N CYS A 180 10.40 35.32 -4.32
CA CYS A 180 9.76 36.02 -3.23
C CYS A 180 10.70 37.09 -2.71
N THR A 181 10.15 38.28 -2.47
CA THR A 181 10.94 39.47 -2.18
C THR A 181 10.27 40.38 -1.16
N ARG A 182 11.04 40.78 -0.15
CA ARG A 182 10.62 41.88 0.74
C ARG A 182 11.51 43.00 0.26
N PRO A 183 10.92 44.03 -0.38
CA PRO A 183 11.75 45.07 -0.97
C PRO A 183 12.49 45.95 0.06
N ASN A 184 13.64 46.48 -0.34
CA ASN A 184 14.30 47.54 0.43
C ASN A 184 13.36 48.73 0.72
N ASN A 185 13.46 49.29 1.91
CA ASN A 185 12.61 50.41 2.23
C ASN A 185 13.10 51.25 3.39
N GLY A 192 7.76 50.40 3.18
CA GLY A 192 7.19 51.15 4.28
C GLY A 192 6.78 50.21 5.39
N ASP A 193 6.18 49.11 5.00
CA ASP A 193 5.76 48.09 5.93
C ASP A 193 6.88 47.08 5.79
N ILE A 194 7.76 47.04 6.77
CA ILE A 194 8.91 46.14 6.71
C ILE A 194 8.50 44.68 6.71
N ARG A 195 7.25 44.41 7.03
CA ARG A 195 6.76 43.03 7.01
C ARG A 195 6.02 42.61 5.75
N GLN A 196 5.80 43.51 4.80
CA GLN A 196 5.07 43.16 3.58
C GLN A 196 6.05 42.65 2.53
N ALA A 197 5.68 41.57 1.86
CA ALA A 197 6.48 41.01 0.79
C ALA A 197 5.56 40.41 -0.26
N TYR A 198 6.12 39.87 -1.32
CA TYR A 198 5.35 39.31 -2.38
C TYR A 198 6.16 38.23 -3.11
N CYS A 199 5.47 37.30 -3.76
CA CYS A 199 6.13 36.37 -4.70
C CYS A 199 5.57 36.57 -6.09
N GLN A 200 6.39 36.27 -7.08
CA GLN A 200 6.00 36.28 -8.48
C GLN A 200 6.25 34.89 -9.07
N ILE A 201 5.26 34.37 -9.79
CA ILE A 201 5.33 33.08 -10.40
C ILE A 201 4.58 33.15 -11.75
N SER A 202 5.12 32.44 -12.72
CA SER A 202 4.47 32.31 -14.04
C SER A 202 3.17 31.50 -13.92
N GLY A 203 2.04 32.16 -14.10
CA GLY A 203 0.77 31.45 -14.18
C GLY A 203 0.71 30.38 -15.27
N ARG A 204 1.34 30.64 -16.42
CA ARG A 204 1.43 29.64 -17.49
C ARG A 204 2.12 28.36 -16.99
N ASN A 205 3.30 28.53 -16.42
CA ASN A 205 4.07 27.39 -15.94
C ASN A 205 3.42 26.71 -14.74
N TRP A 206 2.88 27.52 -13.83
CA TRP A 206 2.19 26.95 -12.66
C TRP A 206 0.96 26.19 -13.09
N SER A 207 0.18 26.77 -13.99
CA SER A 207 -1.02 26.10 -14.47
C SER A 207 -0.74 24.78 -15.16
N GLU A 208 0.31 24.75 -15.98
CA GLU A 208 0.74 23.51 -16.65
C GLU A 208 1.13 22.43 -15.63
N ALA A 209 1.83 22.83 -14.57
CA ALA A 209 2.18 21.90 -13.51
C ALA A 209 0.94 21.35 -12.83
N VAL A 210 0.03 22.22 -12.44
CA VAL A 210 -1.23 21.81 -11.82
C VAL A 210 -1.99 20.82 -12.72
N ASN A 211 -2.05 21.12 -14.02
CA ASN A 211 -2.78 20.26 -14.94
C ASN A 211 -2.15 18.88 -15.03
N GLN A 212 -0.81 18.83 -15.07
CA GLN A 212 -0.10 17.55 -15.14
C GLN A 212 -0.27 16.77 -13.85
N VAL A 213 -0.19 17.45 -12.71
CA VAL A 213 -0.42 16.79 -11.43
C VAL A 213 -1.87 16.28 -11.35
N LYS A 214 -2.83 17.11 -11.74
CA LYS A 214 -4.23 16.67 -11.80
C LYS A 214 -4.43 15.40 -12.62
N LYS A 215 -3.79 15.33 -13.79
CA LYS A 215 -3.92 14.16 -14.68
C LYS A 215 -3.34 12.93 -14.00
N LYS A 216 -2.21 13.07 -13.29
CA LYS A 216 -1.65 11.95 -12.55
C LYS A 216 -2.55 11.50 -11.41
N LEU A 217 -3.09 12.45 -10.66
CA LEU A 217 -4.05 12.12 -9.62
C LEU A 217 -5.28 11.39 -10.15
N LYS A 218 -5.76 11.80 -11.33
CA LYS A 218 -6.95 11.21 -11.94
C LYS A 218 -6.76 9.74 -12.24
N GLU A 219 -5.55 9.32 -12.60
CA GLU A 219 -5.23 7.90 -12.76
C GLU A 219 -5.58 7.05 -11.52
N HIS A 220 -5.54 7.64 -10.33
CA HIS A 220 -5.86 6.92 -9.09
C HIS A 220 -7.28 7.11 -8.64
N PHE A 221 -7.97 8.08 -9.23
CA PHE A 221 -9.36 8.35 -8.90
C PHE A 221 -10.08 8.45 -10.21
N PRO A 222 -10.27 7.25 -10.87
CA PRO A 222 -10.91 7.36 -12.18
C PRO A 222 -12.37 7.76 -12.13
N HIS A 223 -12.80 8.52 -13.12
CA HIS A 223 -14.18 8.95 -13.20
C HIS A 223 -14.50 10.06 -12.20
N LYS A 224 -13.46 10.68 -11.68
CA LYS A 224 -13.61 11.76 -10.73
C LYS A 224 -12.98 13.00 -11.30
N ASN A 225 -13.54 14.16 -10.96
CA ASN A 225 -12.98 15.41 -11.40
C ASN A 225 -12.02 15.86 -10.30
N ILE A 226 -10.82 16.29 -10.68
CA ILE A 226 -9.82 16.71 -9.73
C ILE A 226 -9.87 18.21 -9.53
N SER A 227 -10.10 18.65 -8.29
CA SER A 227 -10.12 20.06 -7.93
C SER A 227 -9.00 20.37 -6.92
N PHE A 228 -8.40 21.55 -7.10
CA PHE A 228 -7.45 22.10 -6.16
C PHE A 228 -8.09 23.28 -5.50
N GLN A 229 -8.00 23.32 -4.17
CA GLN A 229 -8.55 24.41 -3.38
C GLN A 229 -7.64 24.78 -2.23
N SER A 230 -7.91 25.95 -1.66
CA SER A 230 -7.12 26.45 -0.53
C SER A 230 -7.32 25.60 0.71
N SER A 231 -6.37 25.70 1.66
CA SER A 231 -6.43 24.91 2.90
C SER A 231 -7.71 25.27 3.65
N SER A 232 -8.31 24.27 4.29
CA SER A 232 -9.55 24.42 5.04
C SER A 232 -9.35 25.17 6.36
N GLY A 233 -8.13 25.23 6.88
CA GLY A 233 -7.86 25.83 8.17
C GLY A 233 -6.68 25.16 8.86
N GLY A 234 -6.30 25.72 10.00
CA GLY A 234 -5.09 25.29 10.74
C GLY A 234 -4.24 26.51 11.01
N ASP A 235 -3.01 26.26 11.48
CA ASP A 235 -2.06 27.33 11.74
C ASP A 235 -1.70 28.03 10.42
N LEU A 236 -1.23 29.27 10.52
CA LEU A 236 -0.84 30.07 9.37
C LEU A 236 0.32 29.45 8.60
N GLU A 237 1.19 28.75 9.32
CA GLU A 237 2.32 28.02 8.69
C GLU A 237 1.82 27.02 7.66
N ILE A 238 0.64 26.47 7.90
CA ILE A 238 0.07 25.44 7.03
C ILE A 238 -0.93 26.01 6.02
N THR A 239 -1.65 27.06 6.38
CA THR A 239 -2.63 27.66 5.47
C THR A 239 -2.00 28.57 4.45
N THR A 240 -0.75 29.03 4.71
CA THR A 240 0.07 29.71 3.71
C THR A 240 1.27 28.84 3.34
N HIS A 241 1.96 29.22 2.26
CA HIS A 241 3.25 28.66 1.88
C HIS A 241 4.28 29.41 2.73
N SER A 242 4.87 28.69 3.67
CA SER A 242 5.77 29.31 4.63
C SER A 242 7.14 28.67 4.50
N PHE A 243 8.17 29.50 4.65
CA PHE A 243 9.56 29.11 4.46
C PHE A 243 10.40 30.18 5.08
N ASN A 244 11.66 29.90 5.28
CA ASN A 244 12.62 30.87 5.76
C ASN A 244 13.53 31.31 4.62
N CYS A 245 13.65 32.62 4.43
CA CYS A 245 14.46 33.19 3.35
C CYS A 245 15.42 34.18 3.98
N GLY A 246 16.70 33.85 3.90
CA GLY A 246 17.77 34.67 4.49
C GLY A 246 17.61 34.92 5.97
N GLY A 247 17.09 33.95 6.70
CA GLY A 247 16.86 34.10 8.14
C GLY A 247 15.51 34.66 8.54
N GLU A 248 14.72 35.15 7.58
CA GLU A 248 13.37 35.69 7.85
C GLU A 248 12.26 34.72 7.48
N PHE A 249 11.23 34.67 8.32
CA PHE A 249 10.11 33.76 8.13
C PHE A 249 9.02 34.40 7.25
N PHE A 250 8.83 33.84 6.05
CA PHE A 250 7.84 34.29 5.07
C PHE A 250 6.61 33.43 5.16
N TYR A 251 5.46 34.07 5.03
CA TYR A 251 4.17 33.43 4.99
C TYR A 251 3.47 33.97 3.77
N CYS A 252 3.33 33.14 2.73
CA CYS A 252 2.87 33.62 1.43
C CYS A 252 1.54 33.03 1.06
N ASN A 253 0.61 33.92 0.77
CA ASN A 253 -0.75 33.50 0.49
C ASN A 253 -0.83 32.80 -0.85
N THR A 254 -1.32 31.57 -0.86
CA THR A 254 -1.37 30.79 -2.11
C THR A 254 -2.77 30.58 -2.69
N SER A 255 -3.75 31.41 -2.32
CA SER A 255 -5.11 31.34 -2.88
C SER A 255 -5.08 31.44 -4.43
N GLY A 256 -4.15 32.24 -4.95
CA GLY A 256 -3.96 32.32 -6.41
C GLY A 256 -3.41 31.08 -7.09
N LEU A 257 -2.75 30.21 -6.33
CA LEU A 257 -2.16 29.00 -6.86
C LEU A 257 -3.06 27.78 -6.83
N PHE A 258 -3.74 27.58 -5.71
CA PHE A 258 -4.52 26.36 -5.46
C PHE A 258 -5.98 26.61 -5.76
N GLN A 259 -6.24 26.71 -7.05
CA GLN A 259 -7.52 27.01 -7.65
C GLN A 259 -7.72 26.21 -8.92
N ASP A 260 -8.97 26.17 -9.39
CA ASP A 260 -9.31 25.47 -10.60
C ASP A 260 -9.30 26.36 -11.84
N THR A 261 -9.31 27.67 -11.65
CA THR A 261 -9.10 28.63 -12.72
C THR A 261 -7.87 29.46 -12.47
N ILE A 262 -6.81 29.20 -13.23
CA ILE A 262 -5.52 29.83 -13.07
C ILE A 262 -5.18 30.58 -14.38
N SER A 263 -4.83 31.85 -14.27
CA SER A 263 -4.50 32.64 -15.46
C SER A 263 -3.10 32.26 -15.95
N ASN A 264 -2.86 32.39 -17.26
CA ASN A 264 -1.52 32.16 -17.82
C ASN A 264 -0.62 33.39 -17.72
N ALA A 265 -1.10 34.46 -17.11
CA ALA A 265 -0.29 35.62 -16.82
C ALA A 265 0.55 35.47 -15.54
N THR A 266 1.38 36.47 -15.27
CA THR A 266 2.13 36.56 -14.03
C THR A 266 1.18 36.65 -12.83
N ILE A 267 1.39 35.78 -11.86
CA ILE A 267 0.63 35.74 -10.60
C ILE A 267 1.53 36.36 -9.52
N MET A 268 0.95 37.23 -8.70
CA MET A 268 1.64 37.87 -7.58
C MET A 268 0.95 37.42 -6.28
N LEU A 269 1.73 36.81 -5.38
CA LEU A 269 1.21 36.34 -4.07
C LEU A 269 1.61 37.36 -3.05
N PRO A 270 0.69 37.81 -2.19
CA PRO A 270 1.11 38.65 -1.06
C PRO A 270 1.72 37.78 0.06
N CYS A 271 2.78 38.28 0.70
CA CYS A 271 3.41 37.62 1.83
C CYS A 271 3.55 38.57 3.01
N ARG A 272 3.64 37.97 4.19
CA ARG A 272 4.04 38.66 5.41
C ARG A 272 5.30 38.00 5.96
N ILE A 273 6.19 38.82 6.52
CA ILE A 273 7.27 38.33 7.37
C ILE A 273 6.79 38.39 8.81
N LYS A 274 6.91 37.27 9.51
CA LYS A 274 6.44 37.12 10.91
C LYS A 274 7.58 36.86 11.88
N GLN A 275 7.41 37.38 13.09
CA GLN A 275 8.34 37.20 14.20
C GLN A 275 7.87 36.04 15.11
N ILE A 276 6.58 35.75 15.16
CA ILE A 276 6.03 34.72 16.03
C ILE A 276 5.65 33.52 15.18
N ILE A 277 6.31 32.41 15.43
CA ILE A 277 6.07 31.24 14.61
C ILE A 277 5.76 30.00 15.46
N ASN A 278 4.82 29.23 14.97
CA ASN A 278 4.56 27.91 15.54
C ASN A 278 5.63 26.95 15.05
N MET A 279 6.38 26.36 15.96
CA MET A 279 7.55 25.57 15.63
C MET A 279 7.15 24.24 15.03
N TRP A 280 7.95 23.78 14.07
CA TRP A 280 7.86 22.45 13.49
C TRP A 280 8.68 21.45 14.28
N GLN A 281 9.70 21.93 14.99
CA GLN A 281 10.62 21.05 15.75
C GLN A 281 9.99 20.36 16.95
N GLU A 282 9.03 21.05 17.57
CA GLU A 282 8.34 20.62 18.80
C GLU A 282 7.14 21.54 18.90
N VAL A 283 6.20 21.27 19.80
CA VAL A 283 4.99 22.10 19.91
C VAL A 283 5.30 23.32 20.76
N GLY A 284 5.10 24.50 20.19
CA GLY A 284 5.38 25.75 20.87
C GLY A 284 5.60 26.91 19.92
N LYS A 285 5.86 28.08 20.50
CA LYS A 285 6.12 29.27 19.77
C LYS A 285 7.53 29.77 19.96
N ALA A 286 8.10 30.19 18.83
CA ALA A 286 9.43 30.79 18.77
C ALA A 286 9.21 32.23 18.30
N ILE A 287 9.84 33.17 18.98
CA ILE A 287 9.68 34.60 18.69
C ILE A 287 11.01 35.20 18.33
N TYR A 288 11.08 35.75 17.12
CA TYR A 288 12.32 36.25 16.53
C TYR A 288 12.28 37.78 16.50
N ALA A 289 13.43 38.38 16.26
CA ALA A 289 13.57 39.83 16.18
C ALA A 289 13.01 40.29 14.85
N PRO A 290 12.72 41.59 14.72
CA PRO A 290 12.16 42.10 13.46
C PRO A 290 13.11 41.92 12.28
N PRO A 291 12.59 42.01 11.05
CA PRO A 291 13.45 41.70 9.91
C PRO A 291 14.62 42.66 9.72
N ILE A 292 15.71 42.10 9.21
CA ILE A 292 16.85 42.89 8.77
C ILE A 292 16.41 43.92 7.74
N LYS A 293 17.24 44.93 7.54
CA LYS A 293 17.01 45.98 6.51
C LYS A 293 17.42 45.43 5.15
N GLY A 294 16.96 46.08 4.09
CA GLY A 294 17.40 45.73 2.74
C GLY A 294 16.47 44.81 1.96
N GLN A 295 16.90 44.48 0.76
CA GLN A 295 16.10 43.63 -0.04
C GLN A 295 16.37 42.20 0.34
N ILE A 296 15.31 41.53 0.71
CA ILE A 296 15.38 40.11 1.05
C ILE A 296 14.71 39.32 -0.08
N THR A 297 15.48 38.49 -0.78
CA THR A 297 14.94 37.75 -1.92
C THR A 297 15.39 36.31 -1.95
N CYS A 298 14.45 35.41 -2.24
CA CYS A 298 14.75 34.03 -2.56
C CYS A 298 14.08 33.66 -3.86
N LYS A 299 14.88 33.25 -4.82
CA LYS A 299 14.40 32.70 -6.07
C LYS A 299 14.56 31.21 -5.93
N SER A 300 13.46 30.45 -6.01
CA SER A 300 13.53 29.01 -5.72
C SER A 300 12.86 28.21 -6.80
N ASP A 301 13.23 26.94 -6.88
CA ASP A 301 12.54 26.00 -7.72
C ASP A 301 11.50 25.19 -6.96
N ILE A 302 10.23 25.30 -7.39
CA ILE A 302 9.21 24.45 -6.86
C ILE A 302 9.36 23.09 -7.54
N THR A 303 9.68 22.08 -6.76
CA THR A 303 9.95 20.74 -7.26
C THR A 303 8.97 19.71 -6.77
N GLY A 304 8.06 20.12 -5.87
CA GLY A 304 7.09 19.21 -5.32
C GLY A 304 5.97 19.91 -4.58
N LEU A 305 4.95 19.13 -4.23
CA LEU A 305 3.82 19.61 -3.47
C LEU A 305 3.54 18.69 -2.29
N LEU A 306 2.96 19.28 -1.25
CA LEU A 306 2.37 18.54 -0.16
C LEU A 306 0.89 18.79 -0.21
N LEU A 307 0.15 17.72 -0.41
CA LEU A 307 -1.31 17.80 -0.56
C LEU A 307 -2.02 16.90 0.40
N LEU A 308 -3.24 17.30 0.73
CA LEU A 308 -4.16 16.51 1.50
C LEU A 308 -5.49 16.46 0.73
N ARG A 309 -6.02 15.25 0.56
CA ARG A 309 -7.28 15.05 -0.13
C ARG A 309 -8.43 15.05 0.87
N ASP A 310 -9.50 15.74 0.54
CA ASP A 310 -10.66 15.82 1.40
C ASP A 310 -11.30 14.46 1.63
N GLY A 311 -11.70 14.22 2.86
CA GLY A 311 -12.40 13.02 3.24
C GLY A 311 -13.90 13.21 3.05
N GLY A 312 -14.67 12.14 3.16
CA GLY A 312 -16.12 12.24 3.02
C GLY A 312 -16.71 11.90 1.68
N ASP A 313 -18.01 11.63 1.65
CA ASP A 313 -18.64 11.29 0.39
C ASP A 313 -18.48 12.50 -0.49
N THR A 314 -18.04 12.27 -1.72
CA THR A 314 -17.87 13.38 -2.62
C THR A 314 -19.13 13.32 -3.46
N THR A 315 -20.12 14.12 -3.07
CA THR A 315 -21.40 14.13 -3.77
C THR A 315 -21.23 14.59 -5.19
N ASP A 316 -20.38 15.59 -5.36
CA ASP A 316 -20.10 16.23 -6.62
C ASP A 316 -19.33 15.39 -7.62
N ASN A 317 -18.77 14.26 -7.18
CA ASN A 317 -17.96 13.43 -8.06
C ASN A 317 -16.60 14.08 -8.23
N THR A 318 -16.28 14.92 -7.28
CA THR A 318 -15.06 15.69 -7.29
C THR A 318 -14.20 15.21 -6.13
N GLU A 319 -12.92 15.01 -6.42
CA GLU A 319 -11.91 14.88 -5.39
C GLU A 319 -11.22 16.24 -5.23
N ILE A 320 -11.25 16.77 -4.02
CA ILE A 320 -10.63 18.04 -3.68
C ILE A 320 -9.28 17.82 -2.99
N PHE A 321 -8.24 18.48 -3.49
CA PHE A 321 -6.90 18.44 -2.89
C PHE A 321 -6.53 19.83 -2.46
N ARG A 322 -5.95 19.93 -1.25
CA ARG A 322 -5.57 21.22 -0.68
C ARG A 322 -4.12 21.17 -0.25
N PRO A 323 -3.42 22.33 -0.28
CA PRO A 323 -2.04 22.30 0.16
C PRO A 323 -1.95 22.07 1.67
N SER A 324 -0.90 21.41 2.10
CA SER A 324 -0.70 21.05 3.49
C SER A 324 0.79 21.01 3.82
N GLY A 325 1.16 20.30 4.89
CA GLY A 325 2.54 20.23 5.36
C GLY A 325 2.55 20.42 6.85
N GLY A 326 3.72 20.76 7.40
CA GLY A 326 3.89 20.97 8.85
C GLY A 326 4.81 19.94 9.53
N ASP A 327 4.82 18.71 9.05
CA ASP A 327 5.72 17.66 9.60
C ASP A 327 6.88 17.59 8.62
N MET A 328 8.04 18.14 9.01
CA MET A 328 9.17 18.27 8.09
C MET A 328 9.84 16.96 7.75
N ARG A 329 9.50 15.89 8.46
CA ARG A 329 9.86 14.54 8.03
C ARG A 329 9.37 14.24 6.62
N ASP A 330 8.20 14.76 6.27
CA ASP A 330 7.68 14.57 4.90
C ASP A 330 8.53 15.26 3.86
N ASN A 331 9.02 16.45 4.19
CA ASN A 331 10.01 17.10 3.35
C ASN A 331 11.24 16.21 3.13
N TRP A 332 11.73 15.54 4.18
CA TRP A 332 12.94 14.73 4.05
C TRP A 332 12.61 13.47 3.24
N ARG A 333 11.45 12.85 3.49
CA ARG A 333 10.96 11.74 2.68
C ARG A 333 10.92 12.01 1.20
N SER A 334 10.59 13.25 0.83
CA SER A 334 10.51 13.64 -0.57
C SER A 334 11.86 13.49 -1.28
N GLU A 335 12.96 13.47 -0.53
CA GLU A 335 14.31 13.25 -1.06
C GLU A 335 14.91 11.89 -0.70
N LEU A 336 14.55 11.35 0.44
CA LEU A 336 15.12 10.07 0.87
C LEU A 336 14.34 8.83 0.46
N TYR A 337 13.23 9.01 -0.25
CA TYR A 337 12.38 7.88 -0.67
C TYR A 337 13.16 6.77 -1.40
N LYS A 338 14.19 7.15 -2.13
CA LYS A 338 14.98 6.23 -2.96
C LYS A 338 16.15 5.55 -2.22
N TYR A 339 16.30 5.77 -0.92
CA TYR A 339 17.41 5.21 -0.18
C TYR A 339 17.00 4.37 1.01
N LYS A 340 17.84 3.41 1.36
CA LYS A 340 17.60 2.56 2.49
C LYS A 340 18.96 2.06 3.02
N VAL A 341 19.12 2.00 4.34
CA VAL A 341 20.37 1.54 4.93
C VAL A 341 20.31 0.05 5.18
N VAL A 342 21.34 -0.67 4.73
CA VAL A 342 21.46 -2.12 4.95
C VAL A 342 22.80 -2.47 5.59
N GLU A 343 22.77 -3.55 6.36
CA GLU A 343 23.96 -4.09 6.98
C GLU A 343 24.53 -4.98 5.90
N ILE A 344 25.81 -4.81 5.58
CA ILE A 344 26.42 -5.60 4.52
C ILE A 344 26.41 -7.10 4.79
N LYS A 345 26.69 -7.49 6.03
CA LYS A 345 26.68 -8.90 6.37
C LYS A 345 26.14 -9.11 7.78
N GLU B 4 -7.34 -3.51 19.37
CA GLU B 4 -6.66 -4.31 18.35
C GLU B 4 -5.80 -5.32 19.06
N ALA B 5 -6.34 -6.51 19.27
CA ALA B 5 -5.59 -7.52 19.99
C ALA B 5 -5.59 -8.91 19.40
N LYS B 6 -4.60 -9.69 19.83
CA LYS B 6 -4.45 -11.06 19.42
C LYS B 6 -5.02 -11.93 20.53
N THR B 7 -5.97 -12.76 20.15
CA THR B 7 -6.62 -13.66 21.07
C THR B 7 -7.03 -14.90 20.33
N THR B 8 -7.40 -15.93 21.08
CA THR B 8 -7.83 -17.15 20.48
C THR B 8 -9.33 -17.16 20.25
N LEU B 9 -9.73 -17.07 19.00
CA LEU B 9 -11.13 -17.15 18.59
C LEU B 9 -11.62 -18.55 18.80
N PHE B 10 -12.93 -18.69 18.92
CA PHE B 10 -13.53 -20.00 18.90
C PHE B 10 -14.42 -20.06 17.67
N CYS B 11 -14.71 -21.27 17.23
CA CYS B 11 -15.58 -21.44 16.10
C CYS B 11 -16.97 -21.88 16.52
N ALA B 12 -17.94 -21.58 15.66
CA ALA B 12 -19.31 -21.99 15.80
C ALA B 12 -19.81 -22.48 14.47
N SER B 13 -20.71 -23.46 14.49
CA SER B 13 -21.28 -24.01 13.26
C SER B 13 -22.66 -24.62 13.51
N ASP B 14 -23.34 -25.01 12.42
CA ASP B 14 -24.57 -25.80 12.48
C ASP B 14 -24.33 -27.29 12.32
N ALA B 15 -23.12 -27.78 12.63
CA ALA B 15 -22.82 -29.20 12.47
C ALA B 15 -23.83 -30.04 13.24
N LYS B 16 -24.20 -31.18 12.67
CA LYS B 16 -25.13 -32.13 13.30
C LYS B 16 -24.33 -33.34 13.82
N ALA B 17 -24.60 -33.75 15.07
CA ALA B 17 -23.89 -34.86 15.71
C ALA B 17 -24.16 -36.21 15.05
N TYR B 18 -25.32 -36.35 14.41
CA TYR B 18 -25.69 -37.60 13.74
C TYR B 18 -25.05 -37.72 12.35
N GLU B 19 -24.44 -36.66 11.86
CA GLU B 19 -24.00 -36.56 10.49
C GLU B 19 -22.60 -37.17 10.37
N LYS B 20 -22.42 -38.07 9.41
CA LYS B 20 -21.16 -38.74 9.18
C LYS B 20 -20.20 -37.93 8.34
N GLU B 21 -20.68 -36.85 7.74
CA GLU B 21 -19.84 -36.03 6.92
C GLU B 21 -18.73 -35.54 7.84
N CYS B 22 -17.50 -35.59 7.36
CA CYS B 22 -16.34 -35.25 8.17
C CYS B 22 -16.25 -33.84 8.72
N HIS B 23 -16.66 -32.85 7.94
CA HIS B 23 -16.64 -31.48 8.41
C HIS B 23 -17.58 -31.38 9.60
N ASN B 24 -18.72 -32.05 9.52
CA ASN B 24 -19.68 -32.04 10.61
C ASN B 24 -19.09 -32.70 11.84
N VAL B 25 -18.41 -33.82 11.63
CA VAL B 25 -17.79 -34.56 12.72
C VAL B 25 -16.72 -33.73 13.39
N TRP B 26 -15.94 -33.03 12.61
CA TRP B 26 -14.90 -32.21 13.18
C TRP B 26 -15.46 -31.02 13.94
N ALA B 27 -16.49 -30.41 13.40
CA ALA B 27 -17.07 -29.20 13.98
C ALA B 27 -17.88 -29.49 15.27
N THR B 28 -18.51 -30.66 15.33
CA THR B 28 -19.27 -31.06 16.54
C THR B 28 -18.34 -31.13 17.72
N HIS B 29 -17.12 -31.62 17.51
CA HIS B 29 -16.11 -31.62 18.56
C HIS B 29 -15.42 -30.26 18.77
N ALA B 30 -15.13 -29.53 17.70
CA ALA B 30 -14.22 -28.38 17.81
C ALA B 30 -14.95 -27.07 18.03
N CYS B 31 -16.20 -27.00 17.62
CA CYS B 31 -16.93 -25.75 17.59
C CYS B 31 -18.17 -25.87 18.47
N VAL B 32 -18.68 -24.70 18.88
CA VAL B 32 -19.95 -24.61 19.59
C VAL B 32 -21.07 -24.39 18.58
N PRO B 33 -22.35 -24.39 19.04
CA PRO B 33 -23.43 -24.14 18.08
C PRO B 33 -23.46 -22.68 17.60
N THR B 34 -23.95 -22.46 16.38
CA THR B 34 -24.11 -21.13 15.83
C THR B 34 -24.89 -20.24 16.79
N ASP B 35 -24.57 -18.95 16.81
CA ASP B 35 -25.25 -17.97 17.65
C ASP B 35 -26.75 -17.93 17.26
N PRO B 36 -27.64 -18.37 18.18
CA PRO B 36 -29.07 -18.39 17.81
C PRO B 36 -29.71 -17.01 17.69
N ASN B 37 -29.18 -16.04 18.44
CA ASN B 37 -29.63 -14.64 18.38
C ASN B 37 -28.43 -13.69 18.18
N PRO B 38 -27.92 -13.59 16.93
CA PRO B 38 -26.74 -12.76 16.68
C PRO B 38 -27.10 -11.28 16.65
N GLN B 39 -26.36 -10.48 17.42
CA GLN B 39 -26.54 -9.04 17.48
C GLN B 39 -25.42 -8.32 16.70
N GLU B 40 -25.79 -7.36 15.85
CA GLU B 40 -24.82 -6.46 15.20
C GLU B 40 -25.09 -5.01 15.64
N VAL B 41 -24.04 -4.33 16.11
CA VAL B 41 -24.14 -2.94 16.60
C VAL B 41 -23.33 -2.00 15.71
N VAL B 42 -24.02 -1.15 14.94
CA VAL B 42 -23.37 -0.09 14.16
C VAL B 42 -22.68 0.88 15.12
N LEU B 43 -21.40 1.12 14.91
CA LEU B 43 -20.68 2.14 15.65
C LEU B 43 -20.80 3.43 14.84
N GLU B 44 -21.24 4.52 15.50
CA GLU B 44 -21.53 5.78 14.81
C GLU B 44 -20.31 6.73 14.80
N GLN B 45 -20.10 7.37 13.64
CA GLN B 45 -19.02 8.35 13.43
C GLN B 45 -17.63 7.78 13.74
N VAL B 46 -17.40 6.53 13.32
CA VAL B 46 -16.19 5.78 13.66
C VAL B 46 -15.42 5.35 12.41
N THR B 47 -14.10 5.50 12.46
CA THR B 47 -13.23 5.03 11.39
C THR B 47 -12.14 4.19 12.01
N GLU B 48 -11.97 2.98 11.49
CA GLU B 48 -10.97 2.07 11.97
C GLU B 48 -10.19 1.50 10.78
N ASN B 49 -8.90 1.26 11.00
CA ASN B 49 -8.03 0.65 10.00
C ASN B 49 -8.14 -0.86 9.99
N PHE B 50 -8.32 -1.43 8.80
CA PHE B 50 -8.30 -2.88 8.63
C PHE B 50 -7.11 -3.22 7.75
N ASN B 51 -6.50 -4.36 8.01
CA ASN B 51 -5.49 -4.88 7.12
C ASN B 51 -5.66 -6.37 6.93
N MET B 52 -6.28 -6.75 5.83
CA MET B 52 -6.51 -8.14 5.54
C MET B 52 -5.22 -8.94 5.40
N TRP B 53 -4.13 -8.26 5.10
CA TRP B 53 -2.83 -8.90 4.88
C TRP B 53 -2.03 -9.16 6.16
N LYS B 54 -2.44 -8.55 7.29
CA LYS B 54 -1.78 -8.75 8.60
C LYS B 54 -2.89 -8.91 9.62
N ASN B 55 -3.48 -10.09 9.64
CA ASN B 55 -4.70 -10.33 10.39
C ASN B 55 -4.63 -11.76 10.92
N ASP B 56 -4.41 -11.83 12.22
CA ASP B 56 -4.30 -13.10 12.92
C ASP B 56 -5.53 -14.02 12.78
N MET B 57 -6.67 -13.49 12.33
CA MET B 57 -7.82 -14.35 12.13
C MET B 57 -7.53 -15.37 11.02
N VAL B 58 -6.78 -14.93 10.01
CA VAL B 58 -6.41 -15.76 8.87
C VAL B 58 -5.55 -16.93 9.33
N ASP B 59 -4.59 -16.67 10.21
CA ASP B 59 -3.72 -17.73 10.73
C ASP B 59 -4.46 -18.76 11.58
N GLN B 60 -5.43 -18.31 12.35
CA GLN B 60 -6.31 -19.25 13.05
C GLN B 60 -7.19 -20.10 12.15
N MET B 61 -7.79 -19.50 11.14
CA MET B 61 -8.57 -20.30 10.19
C MET B 61 -7.70 -21.35 9.53
N GLN B 62 -6.47 -20.96 9.20
CA GLN B 62 -5.51 -21.87 8.57
C GLN B 62 -5.27 -23.06 9.46
N GLU B 63 -5.07 -22.80 10.73
CA GLU B 63 -4.86 -23.85 11.70
C GLU B 63 -6.05 -24.78 11.76
N ASP B 64 -7.25 -24.23 11.76
CA ASP B 64 -8.45 -25.05 11.79
C ASP B 64 -8.63 -25.90 10.50
N VAL B 65 -8.40 -25.31 9.32
CA VAL B 65 -8.61 -26.10 8.09
C VAL B 65 -7.58 -27.24 8.05
N ILE B 66 -6.36 -26.97 8.49
CA ILE B 66 -5.36 -28.02 8.64
C ILE B 66 -5.88 -29.15 9.55
N SER B 67 -6.44 -28.76 10.70
CA SER B 67 -7.07 -29.73 11.63
C SER B 67 -8.24 -30.51 11.00
N ILE B 68 -9.10 -29.82 10.26
CA ILE B 68 -10.13 -30.49 9.50
C ILE B 68 -9.56 -31.53 8.53
N TRP B 69 -8.55 -31.12 7.76
CA TRP B 69 -7.98 -32.02 6.76
C TRP B 69 -7.20 -33.15 7.41
N ASP B 70 -6.62 -32.89 8.57
CA ASP B 70 -5.95 -33.94 9.31
C ASP B 70 -6.91 -35.07 9.69
N GLN B 71 -8.16 -34.74 9.96
CA GLN B 71 -9.15 -35.73 10.30
C GLN B 71 -9.89 -36.27 9.06
N CYS B 72 -10.25 -35.38 8.15
CA CYS B 72 -10.98 -35.75 6.95
C CYS B 72 -10.26 -36.26 5.72
N LEU B 73 -8.99 -35.90 5.54
CA LEU B 73 -8.26 -36.29 4.35
C LEU B 73 -6.88 -36.72 4.79
N LYS B 74 -6.89 -37.85 5.48
CA LYS B 74 -5.69 -38.51 5.94
C LYS B 74 -5.10 -39.23 4.76
N PRO B 75 -3.86 -38.87 4.39
CA PRO B 75 -3.24 -39.63 3.28
C PRO B 75 -2.69 -40.97 3.72
N CYS B 76 -2.60 -41.90 2.78
CA CYS B 76 -2.06 -43.23 3.03
C CYS B 76 -0.59 -43.13 3.25
N VAL B 77 0.06 -42.27 2.49
CA VAL B 77 1.48 -42.06 2.59
C VAL B 77 1.70 -40.54 2.57
N LYS B 78 2.55 -40.07 3.47
CA LYS B 78 2.89 -38.65 3.51
C LYS B 78 4.40 -38.55 3.44
N LEU B 79 4.89 -37.82 2.45
CA LEU B 79 6.31 -37.65 2.22
C LEU B 79 6.80 -36.24 2.45
N THR B 80 7.88 -36.16 3.20
CA THR B 80 8.49 -34.93 3.58
C THR B 80 9.99 -35.01 3.34
N ASN B 81 10.60 -33.86 3.46
CA ASN B 81 12.01 -33.66 3.31
C ASN B 81 12.72 -34.55 4.33
N THR B 82 12.17 -34.62 5.52
CA THR B 82 12.77 -35.39 6.59
C THR B 82 12.02 -36.62 7.07
N SER B 83 10.94 -37.00 6.40
CA SER B 83 10.18 -38.14 6.87
C SER B 83 9.28 -38.84 5.89
N THR B 84 8.91 -40.07 6.25
CA THR B 84 7.94 -40.86 5.52
C THR B 84 6.97 -41.48 6.53
N LEU B 85 5.68 -41.30 6.26
CA LEU B 85 4.58 -41.79 7.08
C LEU B 85 3.69 -42.68 6.22
N THR B 86 3.40 -43.90 6.69
CA THR B 86 2.34 -44.73 6.10
C THR B 86 1.26 -44.95 7.18
N GLN B 87 -0.01 -44.76 6.82
CA GLN B 87 -1.09 -44.86 7.81
C GLN B 87 -2.42 -45.26 7.18
N ALA B 88 -3.37 -45.65 8.04
CA ALA B 88 -4.74 -45.95 7.60
C ALA B 88 -5.32 -44.71 6.99
N CYS B 89 -6.03 -44.88 5.89
CA CYS B 89 -6.47 -43.74 5.12
C CYS B 89 -7.83 -44.04 4.54
N PRO B 90 -8.83 -44.22 5.42
CA PRO B 90 -10.17 -44.49 4.94
C PRO B 90 -10.76 -43.33 4.14
N LYS B 91 -11.60 -43.67 3.16
CA LYS B 91 -12.40 -42.69 2.44
C LYS B 91 -13.44 -42.15 3.39
N VAL B 92 -13.87 -40.92 3.18
CA VAL B 92 -14.89 -40.32 4.04
C VAL B 92 -15.90 -39.53 3.22
N THR B 93 -16.94 -39.02 3.88
CA THR B 93 -17.94 -38.23 3.20
C THR B 93 -17.47 -36.81 3.45
N PHE B 94 -17.33 -36.05 2.38
CA PHE B 94 -16.77 -34.73 2.43
C PHE B 94 -17.57 -33.64 1.74
N ASP B 95 -18.00 -32.64 2.49
CA ASP B 95 -18.69 -31.50 1.89
C ASP B 95 -18.55 -30.36 2.85
N PRO B 96 -17.77 -29.32 2.50
CA PRO B 96 -17.51 -28.27 3.49
C PRO B 96 -18.74 -27.57 4.07
N ILE B 97 -18.74 -27.30 5.36
CA ILE B 97 -19.85 -26.57 6.00
C ILE B 97 -19.41 -25.17 6.40
N PRO B 98 -20.37 -24.25 6.62
CA PRO B 98 -19.99 -22.93 7.09
C PRO B 98 -19.46 -22.95 8.50
N ILE B 99 -18.41 -22.18 8.74
CA ILE B 99 -17.79 -22.06 10.03
C ILE B 99 -17.81 -20.59 10.39
N HIS B 100 -18.11 -20.29 11.64
CA HIS B 100 -18.14 -18.92 12.12
C HIS B 100 -17.00 -18.74 13.09
N TYR B 101 -16.34 -17.59 13.03
CA TYR B 101 -15.25 -17.29 13.95
C TYR B 101 -15.79 -16.27 14.94
N CYS B 102 -15.56 -16.51 16.21
CA CYS B 102 -16.17 -15.69 17.28
C CYS B 102 -15.16 -15.18 18.27
N ALA B 103 -15.40 -13.95 18.73
CA ALA B 103 -14.52 -13.32 19.72
C ALA B 103 -14.87 -13.86 21.11
N PRO B 104 -13.85 -14.17 21.93
CA PRO B 104 -14.08 -14.56 23.32
C PRO B 104 -14.36 -13.32 24.20
N ALA B 105 -14.56 -13.54 25.50
CA ALA B 105 -14.87 -12.45 26.46
C ALA B 105 -13.77 -11.41 26.48
N GLY B 106 -14.16 -10.15 26.59
CA GLY B 106 -13.21 -9.05 26.64
C GLY B 106 -12.67 -8.64 25.28
N TYR B 107 -13.28 -9.18 24.21
CA TYR B 107 -12.89 -8.90 22.82
C TYR B 107 -14.12 -8.83 21.95
N ALA B 108 -14.03 -8.05 20.88
CA ALA B 108 -15.05 -8.06 19.84
C ALA B 108 -14.40 -8.14 18.45
N ILE B 109 -15.26 -8.43 17.48
CA ILE B 109 -14.85 -8.46 16.11
C ILE B 109 -15.47 -7.27 15.39
N LEU B 110 -14.64 -6.34 14.93
CA LEU B 110 -15.10 -5.23 14.09
C LEU B 110 -15.33 -5.73 12.67
N LYS B 111 -16.40 -5.23 12.06
CA LYS B 111 -16.81 -5.61 10.72
C LYS B 111 -16.89 -4.35 9.87
N CYS B 112 -16.18 -4.35 8.73
CA CYS B 112 -16.23 -3.24 7.79
C CYS B 112 -17.45 -3.40 6.91
N ASN B 113 -18.23 -2.34 6.82
CA ASN B 113 -19.47 -2.34 6.05
C ASN B 113 -19.39 -1.49 4.79
N ASN B 114 -18.23 -0.90 4.52
CA ASN B 114 -18.02 -0.24 3.24
C ASN B 114 -17.98 -1.32 2.15
N LYS B 115 -18.95 -1.29 1.24
CA LYS B 115 -19.11 -2.38 0.26
C LYS B 115 -18.03 -2.47 -0.85
N THR B 116 -17.19 -1.45 -0.98
CA THR B 116 -16.09 -1.48 -1.96
C THR B 116 -14.70 -1.41 -1.30
N PHE B 117 -14.64 -1.56 0.02
CA PHE B 117 -13.38 -1.55 0.76
C PHE B 117 -12.42 -2.58 0.20
N ASN B 118 -11.20 -2.16 -0.10
CA ASN B 118 -10.22 -3.04 -0.72
C ASN B 118 -9.50 -3.96 0.24
N GLY B 119 -9.70 -3.81 1.54
CA GLY B 119 -9.11 -4.68 2.55
C GLY B 119 -7.89 -4.15 3.28
N LYS B 120 -7.34 -3.02 2.85
CA LYS B 120 -6.18 -2.43 3.51
C LYS B 120 -6.28 -0.92 3.53
N GLY B 121 -6.65 -0.39 4.69
CA GLY B 121 -6.84 1.06 4.88
C GLY B 121 -7.97 1.36 5.86
N PRO B 122 -8.43 2.63 5.88
CA PRO B 122 -9.52 3.02 6.80
C PRO B 122 -10.86 2.55 6.30
N CYS B 123 -11.69 2.07 7.22
CA CYS B 123 -13.08 1.75 6.92
C CYS B 123 -13.91 2.73 7.73
N ASN B 124 -14.84 3.40 7.04
CA ASN B 124 -15.63 4.50 7.63
C ASN B 124 -16.99 4.08 8.20
N ASN B 125 -17.54 2.95 7.73
CA ASN B 125 -18.78 2.39 8.23
C ASN B 125 -18.48 1.03 8.89
N VAL B 126 -18.27 1.08 10.20
CA VAL B 126 -17.90 -0.07 11.01
C VAL B 126 -19.03 -0.48 11.93
N SER B 127 -19.18 -1.79 12.15
CA SER B 127 -20.07 -2.31 13.18
C SER B 127 -19.33 -3.36 14.02
N THR B 128 -19.90 -3.74 15.16
CA THR B 128 -19.34 -4.78 16.02
C THR B 128 -20.22 -6.02 15.89
N VAL B 129 -19.60 -7.19 15.85
CA VAL B 129 -20.33 -8.48 15.83
C VAL B 129 -19.63 -9.43 16.77
N GLN B 130 -20.33 -10.50 17.17
CA GLN B 130 -19.75 -11.51 18.06
C GLN B 130 -18.98 -12.54 17.24
N CYS B 131 -19.57 -12.89 16.10
CA CYS B 131 -19.00 -13.87 15.20
C CYS B 131 -19.07 -13.37 13.77
N THR B 132 -18.26 -13.96 12.92
CA THR B 132 -18.25 -13.67 11.52
C THR B 132 -19.41 -14.43 10.93
N HIS B 133 -19.71 -14.16 9.67
CA HIS B 133 -20.76 -14.88 8.98
C HIS B 133 -20.16 -16.25 8.72
N GLY B 134 -20.97 -17.21 8.32
CA GLY B 134 -20.47 -18.55 8.05
C GLY B 134 -19.57 -18.61 6.84
N ILE B 135 -18.43 -19.26 6.98
CA ILE B 135 -17.46 -19.37 5.90
C ILE B 135 -17.09 -20.81 5.60
N LYS B 136 -17.29 -21.23 4.37
CA LYS B 136 -16.91 -22.60 4.00
C LYS B 136 -15.39 -22.66 3.82
N PRO B 137 -14.72 -23.65 4.46
CA PRO B 137 -13.26 -23.76 4.31
C PRO B 137 -12.90 -24.50 3.02
N VAL B 138 -13.24 -23.91 1.88
CA VAL B 138 -13.02 -24.57 0.59
C VAL B 138 -11.58 -24.34 0.21
N VAL B 139 -10.88 -25.41 -0.09
CA VAL B 139 -9.48 -25.32 -0.46
C VAL B 139 -9.43 -25.41 -1.98
N SER B 140 -8.85 -24.42 -2.62
CA SER B 140 -8.70 -24.43 -4.08
C SER B 140 -7.59 -23.51 -4.53
N THR B 141 -7.24 -23.68 -5.80
CA THR B 141 -6.33 -22.81 -6.50
C THR B 141 -7.05 -22.19 -7.70
N GLN B 142 -6.58 -21.02 -8.15
CA GLN B 142 -7.05 -20.30 -9.38
C GLN B 142 -8.42 -19.64 -9.23
N LEU B 143 -9.43 -20.45 -8.99
CA LEU B 143 -10.80 -20.00 -8.77
C LEU B 143 -11.18 -20.19 -7.29
N LEU B 144 -11.73 -19.14 -6.71
CA LEU B 144 -12.31 -19.18 -5.39
C LEU B 144 -13.75 -19.61 -5.55
N LEU B 145 -14.11 -20.69 -4.84
CA LEU B 145 -15.41 -21.35 -4.96
C LEU B 145 -16.25 -21.18 -3.72
N ASN B 146 -17.56 -21.03 -3.93
CA ASN B 146 -18.55 -21.14 -2.86
C ASN B 146 -18.35 -20.12 -1.73
N GLY B 147 -17.86 -18.94 -2.10
CA GLY B 147 -17.60 -17.88 -1.14
C GLY B 147 -18.60 -16.77 -1.29
N SER B 148 -18.25 -15.60 -0.77
CA SER B 148 -19.17 -14.46 -0.80
C SER B 148 -18.88 -13.55 -2.00
N LEU B 149 -19.90 -12.81 -2.44
CA LEU B 149 -19.79 -11.92 -3.60
C LEU B 149 -19.69 -10.48 -3.14
N ALA B 150 -19.05 -9.65 -3.95
CA ALA B 150 -19.05 -8.22 -3.72
C ALA B 150 -20.47 -7.68 -4.00
N GLU B 151 -20.91 -6.73 -3.18
CA GLU B 151 -22.29 -6.24 -3.21
C GLU B 151 -22.54 -5.27 -4.37
N GLU B 152 -21.64 -4.31 -4.57
CA GLU B 152 -21.78 -3.27 -5.61
C GLU B 152 -21.05 -3.54 -6.91
N GLU B 153 -19.77 -3.87 -6.81
CA GLU B 153 -18.90 -4.02 -7.97
C GLU B 153 -17.74 -4.97 -7.67
N ILE B 154 -17.01 -5.36 -8.71
CA ILE B 154 -15.82 -6.19 -8.57
C ILE B 154 -14.79 -5.46 -7.69
N VAL B 155 -14.15 -6.18 -6.78
CA VAL B 155 -13.14 -5.59 -5.89
C VAL B 155 -11.82 -6.29 -6.15
N ILE B 156 -10.76 -5.50 -6.29
CA ILE B 156 -9.40 -5.99 -6.51
C ILE B 156 -8.61 -5.79 -5.21
N ARG B 157 -8.08 -6.87 -4.67
CA ARG B 157 -7.34 -6.76 -3.43
C ARG B 157 -5.93 -7.29 -3.54
N SER B 158 -4.98 -6.47 -3.13
CA SER B 158 -3.59 -6.86 -3.09
C SER B 158 -2.88 -6.12 -2.00
N LYS B 159 -1.88 -6.75 -1.40
CA LYS B 159 -0.99 -6.07 -0.46
C LYS B 159 -0.31 -4.85 -1.11
N ASN B 160 -0.03 -4.95 -2.41
CA ASN B 160 0.53 -3.84 -3.18
C ASN B 160 0.44 -4.22 -4.65
N LEU B 161 -0.54 -3.65 -5.35
CA LEU B 161 -0.72 -3.89 -6.79
C LEU B 161 0.51 -3.66 -7.63
N ARG B 162 1.36 -2.71 -7.20
CA ARG B 162 2.58 -2.39 -7.92
C ARG B 162 3.68 -3.41 -7.70
N ASP B 163 3.49 -4.34 -6.77
CA ASP B 163 4.42 -5.45 -6.55
C ASP B 163 3.87 -6.67 -7.26
N ASN B 164 4.46 -6.96 -8.41
CA ASN B 164 3.97 -8.05 -9.24
C ASN B 164 4.10 -9.40 -8.58
N ALA B 165 5.00 -9.53 -7.61
CA ALA B 165 5.16 -10.76 -6.84
C ALA B 165 3.99 -11.04 -5.86
N LYS B 166 3.15 -10.05 -5.56
CA LYS B 166 2.05 -10.24 -4.62
C LYS B 166 0.78 -10.69 -5.31
N ILE B 167 0.14 -11.68 -4.69
CA ILE B 167 -1.11 -12.22 -5.17
C ILE B 167 -2.18 -11.14 -5.25
N ILE B 168 -3.07 -11.27 -6.23
CA ILE B 168 -4.22 -10.42 -6.38
C ILE B 168 -5.42 -11.29 -6.14
N ILE B 169 -6.25 -10.90 -5.16
CA ILE B 169 -7.49 -11.55 -4.90
C ILE B 169 -8.58 -10.71 -5.54
N VAL B 170 -9.34 -11.33 -6.43
CA VAL B 170 -10.46 -10.70 -7.08
C VAL B 170 -11.73 -11.24 -6.44
N GLN B 171 -12.66 -10.35 -6.10
CA GLN B 171 -13.97 -10.76 -5.66
C GLN B 171 -14.99 -10.34 -6.72
N LEU B 172 -15.70 -11.33 -7.26
CA LEU B 172 -16.75 -11.07 -8.23
C LEU B 172 -18.00 -10.48 -7.57
N GLN B 173 -18.85 -9.90 -8.39
CA GLN B 173 -20.14 -9.39 -7.98
C GLN B 173 -21.23 -10.38 -8.40
N LYS B 174 -21.01 -11.05 -9.53
CA LYS B 174 -21.89 -12.07 -10.03
C LYS B 174 -21.11 -13.37 -10.16
N SER B 175 -21.62 -14.47 -9.60
CA SER B 175 -20.93 -15.75 -9.66
C SER B 175 -21.13 -16.41 -11.00
N VAL B 176 -20.18 -17.27 -11.36
CA VAL B 176 -20.25 -18.08 -12.56
C VAL B 176 -20.20 -19.52 -12.11
N GLU B 177 -21.16 -20.30 -12.58
CA GLU B 177 -21.28 -21.69 -12.20
C GLU B 177 -20.24 -22.55 -12.91
N ILE B 178 -19.76 -23.57 -12.20
CA ILE B 178 -18.84 -24.56 -12.75
C ILE B 178 -19.28 -25.94 -12.22
N VAL B 179 -19.37 -26.91 -13.12
CA VAL B 179 -19.84 -28.24 -12.78
C VAL B 179 -18.73 -29.18 -13.19
N CYS B 180 -18.12 -29.85 -12.23
CA CYS B 180 -17.03 -30.75 -12.54
C CYS B 180 -17.48 -32.16 -12.22
N THR B 181 -17.29 -33.07 -13.16
CA THR B 181 -17.73 -34.43 -12.98
C THR B 181 -16.77 -35.52 -13.41
N ARG B 182 -16.74 -36.58 -12.63
CA ARG B 182 -15.98 -37.77 -12.96
C ARG B 182 -17.13 -38.74 -13.18
N PRO B 183 -17.34 -39.15 -14.48
CA PRO B 183 -18.50 -40.05 -14.67
C PRO B 183 -18.34 -41.49 -14.19
N ASN B 184 -19.46 -42.14 -13.92
CA ASN B 184 -19.46 -43.52 -13.48
C ASN B 184 -18.89 -44.41 -14.58
N ASN B 185 -18.17 -45.45 -14.17
CA ASN B 185 -17.56 -46.39 -15.11
C ASN B 185 -18.51 -46.76 -16.23
N GLY B 191 -16.50 -44.09 -18.57
CA GLY B 191 -15.14 -43.92 -19.05
C GLY B 191 -14.17 -44.95 -18.49
N GLY B 192 -13.44 -45.59 -19.38
CA GLY B 192 -12.45 -46.61 -19.08
C GLY B 192 -11.35 -46.03 -18.23
N ASP B 193 -11.02 -44.77 -18.49
CA ASP B 193 -9.99 -44.08 -17.74
C ASP B 193 -10.70 -43.49 -16.54
N ILE B 194 -10.66 -44.22 -15.44
CA ILE B 194 -11.35 -43.81 -14.21
C ILE B 194 -10.86 -42.48 -13.58
N ARG B 195 -9.71 -42.00 -14.04
CA ARG B 195 -9.16 -40.74 -13.56
C ARG B 195 -9.56 -39.54 -14.41
N GLN B 196 -10.12 -39.77 -15.59
CA GLN B 196 -10.52 -38.67 -16.44
C GLN B 196 -11.80 -38.04 -15.96
N ALA B 197 -11.84 -36.72 -15.96
CA ALA B 197 -13.02 -35.97 -15.56
C ALA B 197 -13.09 -34.71 -16.41
N TYR B 198 -14.14 -33.93 -16.23
CA TYR B 198 -14.29 -32.72 -17.00
C TYR B 198 -15.09 -31.70 -16.20
N CYS B 199 -14.93 -30.42 -16.52
CA CYS B 199 -15.84 -29.39 -16.01
C CYS B 199 -16.54 -28.71 -17.15
N GLN B 200 -17.74 -28.22 -16.88
CA GLN B 200 -18.53 -27.46 -17.82
C GLN B 200 -18.80 -26.08 -17.24
N ILE B 201 -18.50 -25.07 -18.03
CA ILE B 201 -18.73 -23.66 -17.64
C ILE B 201 -19.33 -22.97 -18.86
N SER B 202 -20.32 -22.11 -18.61
CA SER B 202 -20.83 -21.22 -19.65
C SER B 202 -19.75 -20.24 -20.12
N GLY B 203 -19.28 -20.41 -21.35
CA GLY B 203 -18.37 -19.42 -21.94
C GLY B 203 -18.93 -17.99 -21.99
N ARG B 204 -20.23 -17.86 -22.22
CA ARG B 204 -20.80 -16.52 -22.22
C ARG B 204 -20.72 -15.87 -20.85
N ASN B 205 -21.10 -16.59 -19.79
CA ASN B 205 -21.03 -16.04 -18.44
C ASN B 205 -19.58 -15.85 -17.94
N TRP B 206 -18.72 -16.81 -18.24
CA TRP B 206 -17.32 -16.68 -17.91
C TRP B 206 -16.70 -15.49 -18.64
N SER B 207 -16.98 -15.35 -19.94
CA SER B 207 -16.41 -14.26 -20.72
C SER B 207 -16.84 -12.89 -20.20
N GLU B 208 -18.10 -12.76 -19.83
CA GLU B 208 -18.60 -11.52 -19.21
C GLU B 208 -17.86 -11.20 -17.90
N ALA B 209 -17.60 -12.21 -17.08
CA ALA B 209 -16.87 -12.01 -15.81
C ALA B 209 -15.45 -11.53 -16.08
N VAL B 210 -14.76 -12.22 -16.98
CA VAL B 210 -13.42 -11.82 -17.39
C VAL B 210 -13.39 -10.36 -17.89
N ASN B 211 -14.36 -9.99 -18.70
CA ASN B 211 -14.43 -8.61 -19.21
C ASN B 211 -14.62 -7.59 -18.10
N GLN B 212 -15.48 -7.89 -17.14
CA GLN B 212 -15.71 -6.99 -16.00
C GLN B 212 -14.48 -6.89 -15.10
N VAL B 213 -13.82 -8.02 -14.84
CA VAL B 213 -12.59 -8.03 -14.05
C VAL B 213 -11.51 -7.24 -14.79
N LYS B 214 -11.35 -7.49 -16.09
CA LYS B 214 -10.41 -6.71 -16.91
C LYS B 214 -10.63 -5.20 -16.79
N LYS B 215 -11.88 -4.76 -16.84
CA LYS B 215 -12.22 -3.32 -16.77
C LYS B 215 -11.81 -2.75 -15.41
N LYS B 216 -12.05 -3.51 -14.34
CA LYS B 216 -11.64 -3.12 -13.00
C LYS B 216 -10.12 -3.05 -12.88
N LEU B 217 -9.41 -4.03 -13.41
CA LEU B 217 -7.95 -4.01 -13.43
C LEU B 217 -7.41 -2.79 -14.19
N LYS B 218 -8.05 -2.44 -15.28
CA LYS B 218 -7.64 -1.32 -16.10
C LYS B 218 -7.59 -0.03 -15.31
N GLU B 219 -8.59 0.19 -14.48
CA GLU B 219 -8.59 1.36 -13.59
C GLU B 219 -7.29 1.57 -12.76
N HIS B 220 -6.56 0.49 -12.48
CA HIS B 220 -5.28 0.58 -11.78
C HIS B 220 -4.06 0.58 -12.69
N PHE B 221 -4.28 0.25 -13.96
CA PHE B 221 -3.21 0.24 -14.94
C PHE B 221 -3.76 0.99 -16.14
N PRO B 222 -3.84 2.36 -15.97
CA PRO B 222 -4.42 3.07 -17.12
C PRO B 222 -3.51 3.14 -18.35
N HIS B 223 -4.13 3.13 -19.51
CA HIS B 223 -3.39 3.18 -20.77
C HIS B 223 -2.72 1.86 -21.06
N LYS B 224 -3.19 0.81 -20.40
CA LYS B 224 -2.64 -0.51 -20.59
C LYS B 224 -3.72 -1.47 -21.03
N ASN B 225 -3.35 -2.43 -21.86
CA ASN B 225 -4.27 -3.45 -22.33
C ASN B 225 -4.15 -4.63 -21.36
N ILE B 226 -5.29 -5.13 -20.91
CA ILE B 226 -5.33 -6.22 -19.93
C ILE B 226 -5.48 -7.57 -20.64
N SER B 227 -4.49 -8.45 -20.47
CA SER B 227 -4.49 -9.80 -21.02
C SER B 227 -4.51 -10.86 -19.91
N PHE B 228 -5.30 -11.91 -20.14
CA PHE B 228 -5.34 -13.08 -19.29
C PHE B 228 -4.69 -14.21 -20.04
N GLN B 229 -3.75 -14.88 -19.39
CA GLN B 229 -3.03 -16.01 -19.97
C GLN B 229 -2.86 -17.12 -18.92
N SER B 230 -2.51 -18.30 -19.40
CA SER B 230 -2.29 -19.47 -18.55
C SER B 230 -1.06 -19.32 -17.67
N SER B 231 -0.98 -20.10 -16.58
CA SER B 231 0.13 -20.02 -15.64
C SER B 231 1.42 -20.33 -16.37
N SER B 232 2.48 -19.62 -15.97
CA SER B 232 3.80 -19.78 -16.58
C SER B 232 4.49 -21.09 -16.22
N GLY B 233 4.07 -21.73 -15.12
CA GLY B 233 4.73 -22.94 -14.63
C GLY B 233 4.62 -23.01 -13.11
N GLY B 234 5.08 -24.12 -12.56
CA GLY B 234 4.98 -24.41 -11.12
C GLY B 234 4.37 -25.78 -10.95
N ASP B 235 3.96 -26.11 -9.72
CA ASP B 235 3.32 -27.38 -9.44
C ASP B 235 1.99 -27.42 -10.16
N LEU B 236 1.50 -28.62 -10.39
CA LEU B 236 0.26 -28.83 -11.11
C LEU B 236 -0.95 -28.31 -10.35
N GLU B 237 -0.85 -28.30 -9.00
CA GLU B 237 -1.90 -27.69 -8.15
C GLU B 237 -2.12 -26.24 -8.49
N ILE B 238 -1.07 -25.58 -8.94
CA ILE B 238 -1.14 -24.17 -9.23
C ILE B 238 -1.36 -23.89 -10.73
N THR B 239 -0.81 -24.73 -11.59
CA THR B 239 -0.99 -24.54 -13.04
C THR B 239 -2.35 -24.99 -13.53
N THR B 240 -3.04 -25.82 -12.74
CA THR B 240 -4.46 -26.16 -12.98
C THR B 240 -5.32 -25.56 -11.87
N HIS B 241 -6.64 -25.53 -12.10
CA HIS B 241 -7.62 -25.27 -11.08
C HIS B 241 -7.77 -26.58 -10.33
N SER B 242 -7.32 -26.60 -9.08
CA SER B 242 -7.35 -27.81 -8.27
C SER B 242 -8.21 -27.57 -7.05
N PHE B 243 -8.94 -28.60 -6.65
CA PHE B 243 -9.88 -28.56 -5.54
C PHE B 243 -10.19 -30.00 -5.18
N ASN B 244 -10.82 -30.20 -4.03
CA ASN B 244 -11.26 -31.50 -3.58
C ASN B 244 -12.78 -31.57 -3.69
N CYS B 245 -13.26 -32.62 -4.35
CA CYS B 245 -14.69 -32.82 -4.57
C CYS B 245 -15.06 -34.20 -4.07
N GLY B 246 -15.86 -34.24 -3.03
CA GLY B 246 -16.30 -35.46 -2.37
C GLY B 246 -15.17 -36.34 -1.88
N GLY B 247 -14.07 -35.72 -1.43
CA GLY B 247 -12.90 -36.46 -0.99
C GLY B 247 -11.84 -36.73 -2.05
N GLU B 248 -12.15 -36.48 -3.32
CA GLU B 248 -11.19 -36.72 -4.43
C GLU B 248 -10.56 -35.43 -4.92
N PHE B 249 -9.29 -35.52 -5.27
CA PHE B 249 -8.52 -34.38 -5.75
C PHE B 249 -8.60 -34.19 -7.26
N PHE B 250 -9.15 -33.06 -7.68
CA PHE B 250 -9.32 -32.70 -9.07
C PHE B 250 -8.30 -31.68 -9.52
N TYR B 251 -7.79 -31.87 -10.73
CA TYR B 251 -6.81 -30.98 -11.35
C TYR B 251 -7.45 -30.70 -12.69
N CYS B 252 -7.93 -29.49 -12.88
CA CYS B 252 -8.69 -29.16 -14.07
C CYS B 252 -7.99 -28.10 -14.88
N ASN B 253 -7.72 -28.44 -16.14
CA ASN B 253 -7.00 -27.57 -17.05
C ASN B 253 -7.80 -26.32 -17.39
N THR B 254 -7.25 -25.14 -17.09
CA THR B 254 -8.01 -23.88 -17.32
C THR B 254 -7.53 -23.06 -18.54
N SER B 255 -6.80 -23.67 -19.48
CA SER B 255 -6.34 -22.95 -20.73
C SER B 255 -7.52 -22.32 -21.45
N GLY B 256 -8.66 -22.99 -21.43
CA GLY B 256 -9.85 -22.44 -22.03
C GLY B 256 -10.46 -21.26 -21.32
N LEU B 257 -10.13 -21.07 -20.04
CA LEU B 257 -10.67 -19.93 -19.25
C LEU B 257 -9.80 -18.68 -19.27
N PHE B 258 -8.49 -18.87 -19.13
CA PHE B 258 -7.56 -17.74 -18.97
C PHE B 258 -6.92 -17.41 -20.31
N GLN B 259 -7.77 -16.83 -21.16
CA GLN B 259 -7.49 -16.45 -22.52
C GLN B 259 -8.08 -15.10 -22.87
N ASP B 260 -7.60 -14.50 -23.94
CA ASP B 260 -8.12 -13.22 -24.41
C ASP B 260 -9.23 -13.34 -25.46
N THR B 261 -9.35 -14.51 -26.07
CA THR B 261 -10.52 -14.83 -26.92
C THR B 261 -11.21 -16.05 -26.32
N ILE B 262 -12.38 -15.80 -25.74
CA ILE B 262 -13.15 -16.82 -25.04
C ILE B 262 -14.45 -17.04 -25.80
N SER B 263 -14.78 -18.30 -26.08
CA SER B 263 -15.98 -18.62 -26.85
C SER B 263 -17.20 -18.39 -25.97
N ASN B 264 -18.32 -18.08 -26.61
CA ASN B 264 -19.59 -17.93 -25.89
C ASN B 264 -20.33 -19.24 -25.75
N ALA B 265 -19.75 -20.29 -26.30
CA ALA B 265 -20.30 -21.62 -26.17
C ALA B 265 -19.91 -22.24 -24.82
N THR B 266 -20.48 -23.39 -24.55
CA THR B 266 -20.10 -24.18 -23.41
C THR B 266 -18.60 -24.55 -23.55
N ILE B 267 -17.85 -24.29 -22.48
CA ILE B 267 -16.43 -24.61 -22.41
C ILE B 267 -16.31 -25.85 -21.53
N MET B 268 -15.47 -26.78 -21.99
CA MET B 268 -15.21 -28.02 -21.33
C MET B 268 -13.78 -28.00 -20.93
N LEU B 269 -13.53 -28.18 -19.65
CA LEU B 269 -12.18 -28.29 -19.16
C LEU B 269 -11.92 -29.76 -18.93
N PRO B 270 -10.82 -30.30 -19.44
CA PRO B 270 -10.43 -31.62 -19.05
C PRO B 270 -9.79 -31.64 -17.65
N CYS B 271 -10.07 -32.68 -16.87
CA CYS B 271 -9.51 -32.84 -15.53
C CYS B 271 -8.95 -34.23 -15.31
N ARG B 272 -8.15 -34.36 -14.28
CA ARG B 272 -7.58 -35.62 -13.88
C ARG B 272 -7.78 -35.70 -12.38
N ILE B 273 -8.04 -36.89 -11.85
CA ILE B 273 -8.18 -37.06 -10.44
C ILE B 273 -6.88 -37.71 -10.07
N LYS B 274 -6.20 -37.13 -9.11
CA LYS B 274 -4.90 -37.64 -8.71
C LYS B 274 -4.82 -38.12 -7.28
N GLN B 275 -3.96 -39.10 -7.09
CA GLN B 275 -3.66 -39.67 -5.80
C GLN B 275 -2.46 -38.97 -5.16
N ILE B 276 -1.54 -38.43 -5.95
CA ILE B 276 -0.32 -37.80 -5.46
C ILE B 276 -0.46 -36.29 -5.51
N ILE B 277 -0.42 -35.66 -4.35
CA ILE B 277 -0.61 -34.24 -4.29
C ILE B 277 0.48 -33.52 -3.50
N ASN B 278 0.88 -32.38 -4.00
CA ASN B 278 1.71 -31.47 -3.23
C ASN B 278 0.85 -30.75 -2.21
N MET B 279 1.19 -30.92 -0.94
CA MET B 279 0.38 -30.41 0.16
C MET B 279 0.48 -28.90 0.24
N TRP B 280 -0.63 -28.28 0.60
CA TRP B 280 -0.71 -26.85 0.92
C TRP B 280 -0.41 -26.60 2.41
N GLN B 281 -0.62 -27.60 3.25
CA GLN B 281 -0.47 -27.45 4.73
C GLN B 281 0.96 -27.29 5.17
N GLU B 282 1.88 -27.92 4.43
CA GLU B 282 3.31 -27.97 4.73
C GLU B 282 3.96 -28.50 3.43
N VAL B 283 5.28 -28.42 3.30
CA VAL B 283 5.93 -28.82 2.05
C VAL B 283 6.10 -30.33 2.06
N GLY B 284 5.57 -30.97 1.03
CA GLY B 284 5.64 -32.42 0.91
C GLY B 284 4.56 -32.97 0.01
N LYS B 285 4.57 -34.29 -0.13
CA LYS B 285 3.58 -35.03 -0.90
C LYS B 285 2.72 -35.93 -0.01
N ALA B 286 1.43 -35.87 -0.28
CA ALA B 286 0.41 -36.71 0.32
C ALA B 286 -0.12 -37.62 -0.80
N ILE B 287 -0.18 -38.91 -0.51
CA ILE B 287 -0.62 -39.92 -1.49
C ILE B 287 -1.88 -40.57 -0.96
N TYR B 288 -2.95 -40.44 -1.72
CA TYR B 288 -4.27 -40.91 -1.31
C TYR B 288 -4.58 -42.19 -2.07
N ALA B 289 -5.62 -42.90 -1.62
CA ALA B 289 -6.05 -44.13 -2.29
C ALA B 289 -6.75 -43.76 -3.58
N PRO B 290 -6.94 -44.75 -4.48
CA PRO B 290 -7.55 -44.44 -5.77
C PRO B 290 -8.97 -43.95 -5.60
N PRO B 291 -9.54 -43.29 -6.62
CA PRO B 291 -10.90 -42.76 -6.43
C PRO B 291 -11.98 -43.80 -6.15
N ILE B 292 -12.97 -43.40 -5.36
CA ILE B 292 -14.16 -44.17 -5.16
C ILE B 292 -14.83 -44.47 -6.52
N LYS B 293 -15.71 -45.47 -6.53
CA LYS B 293 -16.53 -45.81 -7.71
C LYS B 293 -17.68 -44.82 -7.83
N GLY B 294 -18.24 -44.71 -9.02
CA GLY B 294 -19.45 -43.91 -9.21
C GLY B 294 -19.27 -42.51 -9.77
N GLN B 295 -20.37 -41.80 -9.88
CA GLN B 295 -20.31 -40.47 -10.40
C GLN B 295 -19.94 -39.53 -9.28
N ILE B 296 -18.86 -38.80 -9.52
CA ILE B 296 -18.38 -37.80 -8.56
C ILE B 296 -18.59 -36.41 -9.16
N THR B 297 -19.44 -35.60 -8.53
CA THR B 297 -19.79 -34.31 -9.10
C THR B 297 -19.80 -33.22 -8.05
N CYS B 298 -19.22 -32.07 -8.39
CA CYS B 298 -19.39 -30.83 -7.62
C CYS B 298 -19.83 -29.71 -8.54
N LYS B 299 -20.98 -29.12 -8.23
CA LYS B 299 -21.48 -27.92 -8.88
C LYS B 299 -21.18 -26.77 -7.94
N SER B 300 -20.38 -25.80 -8.39
CA SER B 300 -19.91 -24.74 -7.48
C SER B 300 -20.11 -23.37 -8.07
N ASP B 301 -20.18 -22.36 -7.19
CA ASP B 301 -20.13 -20.97 -7.63
C ASP B 301 -18.72 -20.40 -7.61
N ILE B 302 -18.24 -19.96 -8.77
CA ILE B 302 -17.00 -19.20 -8.83
C ILE B 302 -17.32 -17.79 -8.36
N THR B 303 -16.74 -17.39 -7.22
CA THR B 303 -17.00 -16.10 -6.59
C THR B 303 -15.76 -15.19 -6.56
N GLY B 304 -14.62 -15.72 -6.99
CA GLY B 304 -13.40 -14.96 -6.96
C GLY B 304 -12.29 -15.60 -7.75
N LEU B 305 -11.21 -14.85 -7.90
CA LEU B 305 -10.02 -15.32 -8.60
C LEU B 305 -8.77 -15.03 -7.78
N LEU B 306 -7.76 -15.85 -8.02
CA LEU B 306 -6.43 -15.63 -7.54
C LEU B 306 -5.54 -15.42 -8.75
N LEU B 307 -4.99 -14.22 -8.87
CA LEU B 307 -4.21 -13.82 -10.03
C LEU B 307 -2.83 -13.33 -9.63
N LEU B 308 -1.91 -13.51 -10.55
CA LEU B 308 -0.57 -12.98 -10.45
C LEU B 308 -0.27 -12.18 -11.75
N ARG B 309 0.16 -10.94 -11.60
CA ARG B 309 0.54 -10.09 -12.75
C ARG B 309 2.01 -10.29 -13.10
N ASP B 310 2.34 -10.40 -14.41
CA ASP B 310 3.73 -10.56 -14.84
C ASP B 310 4.54 -9.34 -14.42
N GLY B 311 5.75 -9.58 -13.97
CA GLY B 311 6.68 -8.53 -13.62
C GLY B 311 7.42 -8.05 -14.86
N GLY B 312 8.11 -6.93 -14.73
CA GLY B 312 8.92 -6.40 -15.82
C GLY B 312 8.27 -5.56 -16.88
N ASP B 313 9.09 -5.10 -17.81
CA ASP B 313 8.63 -4.24 -18.89
C ASP B 313 7.61 -4.93 -19.77
N THR B 314 6.55 -4.18 -20.09
CA THR B 314 5.51 -4.71 -20.93
C THR B 314 5.97 -4.59 -22.35
N THR B 315 6.05 -5.71 -23.04
CA THR B 315 6.51 -5.69 -24.41
C THR B 315 5.56 -4.90 -25.31
N ASP B 316 4.27 -5.14 -25.14
CA ASP B 316 3.24 -4.50 -25.96
C ASP B 316 2.33 -3.54 -25.24
N ASN B 317 2.78 -2.99 -24.12
CA ASN B 317 1.93 -2.08 -23.38
C ASN B 317 0.76 -2.87 -22.85
N THR B 318 1.01 -4.13 -22.56
CA THR B 318 -0.03 -5.01 -22.07
C THR B 318 0.34 -5.53 -20.70
N GLU B 319 -0.63 -5.60 -19.80
CA GLU B 319 -0.39 -6.15 -18.49
C GLU B 319 -0.99 -7.54 -18.54
N ILE B 320 -0.19 -8.54 -18.23
CA ILE B 320 -0.65 -9.92 -18.28
C ILE B 320 -0.91 -10.50 -16.90
N PHE B 321 -2.08 -11.10 -16.74
CA PHE B 321 -2.50 -11.71 -15.48
C PHE B 321 -2.71 -13.19 -15.72
N ARG B 322 -2.20 -14.01 -14.80
CA ARG B 322 -2.27 -15.46 -14.90
C ARG B 322 -2.87 -16.02 -13.60
N PRO B 323 -3.60 -17.14 -13.70
CA PRO B 323 -4.14 -17.71 -12.47
C PRO B 323 -3.04 -18.27 -11.57
N SER B 324 -3.29 -18.23 -10.26
CA SER B 324 -2.31 -18.64 -9.28
C SER B 324 -3.01 -19.18 -8.03
N GLY B 325 -2.30 -19.21 -6.91
CA GLY B 325 -2.82 -19.69 -5.63
C GLY B 325 -1.76 -20.53 -4.98
N GLY B 326 -2.17 -21.41 -4.09
CA GLY B 326 -1.25 -22.33 -3.39
C GLY B 326 -1.13 -22.04 -1.88
N ASP B 327 -1.24 -20.77 -1.48
CA ASP B 327 -1.18 -20.41 -0.04
C ASP B 327 -2.62 -20.19 0.37
N MET B 328 -3.18 -21.14 1.11
CA MET B 328 -4.62 -21.12 1.42
C MET B 328 -5.01 -20.02 2.39
N ARG B 329 -4.04 -19.38 3.01
CA ARG B 329 -4.33 -18.15 3.74
C ARG B 329 -4.96 -17.08 2.89
N ASP B 330 -4.61 -17.03 1.61
CA ASP B 330 -5.24 -16.10 0.71
C ASP B 330 -6.72 -16.42 0.49
N ASN B 331 -7.06 -17.70 0.41
CA ASN B 331 -8.45 -18.10 0.39
C ASN B 331 -9.19 -17.59 1.60
N TRP B 332 -8.57 -17.66 2.79
CA TRP B 332 -9.27 -17.23 4.01
C TRP B 332 -9.37 -15.71 4.01
N ARG B 333 -8.34 -15.01 3.54
CA ARG B 333 -8.38 -13.56 3.43
C ARG B 333 -9.50 -13.08 2.55
N SER B 334 -9.79 -13.80 1.49
CA SER B 334 -10.87 -13.45 0.59
C SER B 334 -12.22 -13.34 1.29
N GLU B 335 -12.36 -13.97 2.47
CA GLU B 335 -13.57 -13.89 3.29
C GLU B 335 -13.40 -13.08 4.57
N LEU B 336 -12.21 -13.09 5.12
CA LEU B 336 -11.95 -12.37 6.37
C LEU B 336 -11.47 -10.95 6.26
N TYR B 337 -11.35 -10.44 5.04
CA TYR B 337 -10.85 -9.06 4.79
C TYR B 337 -11.62 -7.98 5.55
N LYS B 338 -12.91 -8.22 5.77
CA LYS B 338 -13.79 -7.25 6.41
C LYS B 338 -13.84 -7.35 7.94
N TYR B 339 -13.04 -8.22 8.54
CA TYR B 339 -13.06 -8.38 9.98
C TYR B 339 -11.73 -8.19 10.67
N LYS B 340 -11.77 -7.70 11.91
CA LYS B 340 -10.59 -7.56 12.73
C LYS B 340 -10.99 -7.79 14.20
N VAL B 341 -10.10 -8.36 14.99
CA VAL B 341 -10.36 -8.63 16.41
C VAL B 341 -9.80 -7.50 17.24
N VAL B 342 -10.62 -6.96 18.15
CA VAL B 342 -10.19 -5.90 19.06
C VAL B 342 -10.48 -6.29 20.52
N GLU B 343 -9.69 -5.81 21.45
CA GLU B 343 -9.98 -6.09 22.84
C GLU B 343 -10.67 -4.84 23.37
N ILE B 344 -11.85 -5.03 23.94
CA ILE B 344 -12.66 -3.93 24.47
C ILE B 344 -11.87 -2.79 25.09
#